data_7LUD
#
_entry.id   7LUD
#
_cell.length_a   51.879
_cell.length_b   158.669
_cell.length_c   60.180
_cell.angle_alpha   90.000
_cell.angle_beta   104.800
_cell.angle_gamma   90.000
#
_symmetry.space_group_name_H-M   'P 1 21 1'
#
loop_
_entity.id
_entity.type
_entity.pdbx_description
1 polymer 'ADI-14442 Fab Heavy chain'
2 polymer 'ADI-14442 Fab Light chain'
3 non-polymer 'SULFATE ION'
#
loop_
_entity_poly.entity_id
_entity_poly.type
_entity_poly.pdbx_seq_one_letter_code
_entity_poly.pdbx_strand_id
1 'polypeptide(L)'
;QVQLVQSGSEVKKPGASVKVSCKASGYRFSNYGISWVRQAPGQGLEWMGWISAYNGNIKYGNNLQGRVTVTTDTSTATAY
MEVRSLTSDDTAVYYCARDVPADGVHFMDVWGQGTLVTVSSASTKGPSVFPLAPSSKSTSGGTAALGCLVKDYFPEPVTV
SWNSGALTSGVHTFPAVLQSSGLYSLSSVVTVPSSSLGTQTYICNVNHKPSNTKVDKKVEPKSCD
;
H,A
2 'polypeptide(L)'
;DVVMTQSPLSLPVTLGQPASISCRSSQSLVHSDTNTYLNWFQQRPGQSPRRLIYKVSNRDSGVPDRFSGSGSGTTFTLKI
SRVEAEDVGIYYCMQGSHWAPTFGQGTKVEIKRTVAAPSVFIFPPSDEQLKSGTASVVCLLNNFYPREAKVQWKVDNALQ
SGNSQESVTEQDSKDSTYSLSSTLTLSKADYEKHKVYACEVTHQGLSSPVTKSFNRGEC
;
L,B
#
loop_
_chem_comp.id
_chem_comp.type
_chem_comp.name
_chem_comp.formula
SO4 non-polymer 'SULFATE ION' 'O4 S -2'
#
# COMPACT_ATOMS: atom_id res chain seq x y z
N GLN A 1 -29.50 -30.34 8.04
CA GLN A 1 -28.33 -31.17 7.81
C GLN A 1 -27.97 -31.32 6.33
N VAL A 2 -28.55 -30.49 5.48
CA VAL A 2 -28.07 -30.40 4.10
C VAL A 2 -26.73 -29.70 4.12
N GLN A 3 -25.70 -30.35 3.57
CA GLN A 3 -24.34 -29.91 3.81
C GLN A 3 -23.44 -30.26 2.64
N LEU A 4 -22.59 -29.32 2.24
CA LEU A 4 -21.58 -29.54 1.22
C LEU A 4 -20.21 -29.27 1.79
N VAL A 5 -19.30 -30.24 1.68
CA VAL A 5 -17.95 -30.12 2.24
C VAL A 5 -16.94 -30.23 1.09
N GLN A 6 -16.13 -29.20 0.93
CA GLN A 6 -15.12 -29.13 -0.12
C GLN A 6 -13.75 -29.49 0.42
N SER A 7 -12.81 -29.67 -0.50
CA SER A 7 -11.44 -30.07 -0.14
C SER A 7 -10.64 -28.86 0.34
N GLY A 8 -9.42 -29.12 0.78
CA GLY A 8 -8.58 -28.10 1.37
C GLY A 8 -7.93 -27.20 0.34
N SER A 9 -7.15 -26.25 0.84
CA SER A 9 -6.46 -25.29 -0.01
C SER A 9 -5.51 -26.00 -0.97
N GLU A 10 -5.27 -25.37 -2.12
CA GLU A 10 -4.40 -25.93 -3.15
C GLU A 10 -3.51 -24.85 -3.72
N VAL A 11 -2.25 -25.21 -3.98
CA VAL A 11 -1.32 -24.36 -4.71
C VAL A 11 -0.75 -25.19 -5.85
N LYS A 12 -0.73 -24.63 -7.05
CA LYS A 12 -0.29 -25.34 -8.25
C LYS A 12 0.65 -24.46 -9.05
N LYS A 13 1.47 -25.11 -9.84
CA LYS A 13 2.38 -24.41 -10.73
C LYS A 13 1.68 -24.10 -12.05
N PRO A 14 2.08 -23.02 -12.72
CA PRO A 14 1.45 -22.69 -14.01
C PRO A 14 1.60 -23.82 -15.01
N GLY A 15 0.48 -24.24 -15.58
CA GLY A 15 0.42 -25.37 -16.47
C GLY A 15 -0.17 -26.62 -15.82
N ALA A 16 -0.08 -26.74 -14.50
CA ALA A 16 -0.59 -27.91 -13.81
C ALA A 16 -2.11 -27.87 -13.73
N SER A 17 -2.69 -28.85 -13.04
CA SER A 17 -4.13 -28.99 -12.94
C SER A 17 -4.53 -29.26 -11.50
N VAL A 18 -5.77 -28.90 -11.17
CA VAL A 18 -6.32 -29.08 -9.84
C VAL A 18 -7.70 -29.71 -9.97
N LYS A 19 -8.07 -30.51 -8.97
CA LYS A 19 -9.37 -31.19 -8.95
C LYS A 19 -9.97 -31.02 -7.56
N VAL A 20 -10.82 -30.01 -7.42
CA VAL A 20 -11.53 -29.76 -6.17
C VAL A 20 -12.68 -30.74 -6.04
N SER A 21 -12.94 -31.18 -4.80
CA SER A 21 -14.01 -32.12 -4.51
C SER A 21 -15.09 -31.45 -3.68
N CYS A 22 -16.26 -32.09 -3.64
CA CYS A 22 -17.45 -31.50 -3.01
C CYS A 22 -18.37 -32.66 -2.62
N LYS A 23 -18.29 -33.09 -1.37
CA LYS A 23 -19.07 -34.22 -0.88
C LYS A 23 -20.34 -33.71 -0.21
N ALA A 24 -21.48 -34.30 -0.59
CA ALA A 24 -22.80 -33.85 -0.17
C ALA A 24 -23.37 -34.75 0.90
N SER A 25 -24.08 -34.14 1.85
CA SER A 25 -24.79 -34.85 2.91
C SER A 25 -26.17 -34.22 3.08
N GLY A 26 -27.08 -34.99 3.66
CA GLY A 26 -28.37 -34.49 4.09
C GLY A 26 -29.46 -34.44 3.05
N TYR A 27 -29.22 -34.93 1.84
CA TYR A 27 -30.27 -34.95 0.82
C TYR A 27 -29.95 -36.02 -0.22
N ARG A 28 -30.97 -36.41 -0.98
CA ARG A 28 -30.78 -37.36 -2.08
C ARG A 28 -29.98 -36.68 -3.18
N PHE A 29 -28.74 -37.14 -3.38
CA PHE A 29 -27.82 -36.47 -4.29
C PHE A 29 -28.29 -36.56 -5.74
N SER A 30 -28.89 -37.68 -6.12
CA SER A 30 -29.29 -37.88 -7.51
C SER A 30 -30.49 -37.02 -7.92
N ASN A 31 -31.18 -36.38 -6.98
CA ASN A 31 -32.33 -35.54 -7.28
C ASN A 31 -31.98 -34.07 -7.44
N TYR A 32 -30.70 -33.71 -7.40
CA TYR A 32 -30.28 -32.32 -7.45
C TYR A 32 -29.07 -32.20 -8.37
N GLY A 33 -28.85 -30.96 -8.85
CA GLY A 33 -27.64 -30.62 -9.57
C GLY A 33 -26.63 -29.93 -8.66
N ILE A 34 -25.50 -29.59 -9.26
CA ILE A 34 -24.42 -28.86 -8.59
C ILE A 34 -23.99 -27.73 -9.51
N SER A 35 -23.89 -26.52 -8.95
CA SER A 35 -23.33 -25.39 -9.66
C SER A 35 -22.00 -25.00 -9.02
N TRP A 36 -21.01 -24.73 -9.86
CA TRP A 36 -19.70 -24.29 -9.43
C TRP A 36 -19.56 -22.80 -9.75
N VAL A 37 -19.15 -22.04 -8.74
CA VAL A 37 -19.01 -20.59 -8.77
C VAL A 37 -17.59 -20.23 -8.38
N ARG A 38 -17.01 -19.26 -9.08
CA ARG A 38 -15.67 -18.78 -8.79
C ARG A 38 -15.75 -17.36 -8.22
N GLN A 39 -15.05 -17.12 -7.10
CA GLN A 39 -14.88 -15.80 -6.50
C GLN A 39 -13.39 -15.50 -6.46
N ALA A 40 -12.91 -14.70 -7.40
CA ALA A 40 -11.54 -14.22 -7.31
C ALA A 40 -11.38 -13.40 -6.04
N PRO A 41 -10.25 -13.50 -5.34
CA PRO A 41 -10.11 -12.84 -4.04
C PRO A 41 -10.40 -11.34 -4.12
N GLY A 42 -11.30 -10.88 -3.24
CA GLY A 42 -11.74 -9.50 -3.24
C GLY A 42 -12.68 -9.12 -4.36
N GLN A 43 -13.10 -10.07 -5.20
CA GLN A 43 -13.95 -9.80 -6.34
C GLN A 43 -15.32 -10.45 -6.14
N GLY A 44 -16.22 -10.21 -7.08
CA GLY A 44 -17.57 -10.74 -7.00
C GLY A 44 -17.66 -12.19 -7.43
N LEU A 45 -18.85 -12.75 -7.27
CA LEU A 45 -19.11 -14.13 -7.62
C LEU A 45 -19.30 -14.28 -9.12
N GLU A 46 -18.68 -15.30 -9.69
CA GLU A 46 -18.77 -15.60 -11.11
C GLU A 46 -19.22 -17.05 -11.26
N TRP A 47 -20.33 -17.26 -11.96
CA TRP A 47 -20.82 -18.61 -12.16
C TRP A 47 -19.96 -19.32 -13.20
N MET A 48 -19.51 -20.53 -12.87
CA MET A 48 -18.64 -21.30 -13.76
C MET A 48 -19.42 -22.37 -14.51
N GLY A 49 -20.16 -23.21 -13.80
CA GLY A 49 -20.77 -24.32 -14.51
C GLY A 49 -21.81 -25.03 -13.68
N TRP A 50 -22.50 -25.95 -14.33
CA TRP A 50 -23.59 -26.70 -13.70
C TRP A 50 -23.57 -28.12 -14.23
N ILE A 51 -23.78 -29.09 -13.34
CA ILE A 51 -23.80 -30.50 -13.70
C ILE A 51 -24.91 -31.18 -12.92
N SER A 52 -25.70 -32.01 -13.60
CA SER A 52 -26.87 -32.62 -12.99
C SER A 52 -26.67 -34.13 -12.92
N ALA A 53 -26.61 -34.65 -11.69
CA ALA A 53 -26.63 -36.10 -11.50
C ALA A 53 -27.98 -36.69 -11.90
N TYR A 54 -29.03 -35.86 -11.96
CA TYR A 54 -30.35 -36.33 -12.33
C TYR A 54 -30.43 -36.63 -13.83
N ASN A 55 -29.98 -35.68 -14.66
CA ASN A 55 -30.08 -35.78 -16.12
C ASN A 55 -28.81 -36.31 -16.78
N GLY A 56 -27.64 -35.96 -16.24
CA GLY A 56 -26.42 -36.01 -17.01
C GLY A 56 -26.12 -34.73 -17.77
N ASN A 57 -26.96 -33.70 -17.60
CA ASN A 57 -26.80 -32.46 -18.35
C ASN A 57 -25.70 -31.60 -17.73
N ILE A 58 -24.90 -30.97 -18.59
CA ILE A 58 -23.83 -30.10 -18.17
C ILE A 58 -23.96 -28.77 -18.90
N LYS A 59 -23.75 -27.68 -18.16
CA LYS A 59 -23.64 -26.34 -18.73
C LYS A 59 -22.31 -25.74 -18.30
N TYR A 60 -21.66 -25.02 -19.21
CA TYR A 60 -20.48 -24.23 -18.90
C TYR A 60 -20.70 -22.81 -19.35
N GLY A 61 -20.23 -21.85 -18.54
CA GLY A 61 -20.37 -20.45 -18.86
C GLY A 61 -19.39 -19.98 -19.92
N ASN A 62 -18.12 -20.38 -19.78
CA ASN A 62 -17.07 -19.93 -20.69
C ASN A 62 -15.96 -20.97 -20.64
N ASN A 63 -15.93 -21.85 -21.64
CA ASN A 63 -15.01 -22.98 -21.61
C ASN A 63 -14.69 -23.51 -23.00
N LEU A 64 -14.36 -22.61 -23.93
CA LEU A 64 -14.11 -23.02 -25.31
C LEU A 64 -12.86 -23.87 -25.46
N GLN A 65 -11.93 -23.79 -24.51
CA GLN A 65 -10.68 -24.54 -24.60
C GLN A 65 -10.74 -25.88 -23.88
N GLY A 66 -11.84 -26.18 -23.19
CA GLY A 66 -11.97 -27.44 -22.50
C GLY A 66 -11.08 -27.59 -21.28
N ARG A 67 -10.66 -26.47 -20.68
CA ARG A 67 -9.80 -26.52 -19.51
C ARG A 67 -10.55 -26.94 -18.25
N VAL A 68 -11.85 -26.62 -18.17
CA VAL A 68 -12.66 -26.95 -17.00
C VAL A 68 -13.49 -28.19 -17.31
N THR A 69 -13.66 -29.04 -16.30
CA THR A 69 -14.48 -30.24 -16.42
C THR A 69 -15.14 -30.50 -15.07
N VAL A 70 -16.46 -30.40 -15.02
CA VAL A 70 -17.22 -30.76 -13.83
C VAL A 70 -17.70 -32.19 -13.99
N THR A 71 -17.57 -32.96 -12.92
CA THR A 71 -17.95 -34.37 -12.93
C THR A 71 -18.67 -34.70 -11.63
N THR A 72 -19.33 -35.86 -11.61
CA THR A 72 -19.96 -36.36 -10.40
C THR A 72 -19.76 -37.87 -10.28
N ASP A 73 -19.76 -38.34 -9.05
CA ASP A 73 -19.83 -39.75 -8.70
C ASP A 73 -21.05 -39.88 -7.81
N THR A 74 -22.15 -40.37 -8.40
CA THR A 74 -23.39 -40.55 -7.67
C THR A 74 -23.25 -41.61 -6.58
N SER A 75 -22.42 -42.63 -6.80
CA SER A 75 -22.25 -43.69 -5.82
C SER A 75 -21.74 -43.15 -4.49
N THR A 76 -20.85 -42.17 -4.53
CA THR A 76 -20.30 -41.56 -3.33
C THR A 76 -20.82 -40.14 -3.11
N ALA A 77 -21.80 -39.71 -3.89
CA ALA A 77 -22.46 -38.42 -3.71
C ALA A 77 -21.45 -37.27 -3.71
N THR A 78 -20.52 -37.31 -4.67
CA THR A 78 -19.45 -36.32 -4.69
C THR A 78 -19.36 -35.67 -6.07
N ALA A 79 -19.34 -34.35 -6.08
CA ALA A 79 -19.04 -33.59 -7.29
C ALA A 79 -17.56 -33.22 -7.30
N TYR A 80 -17.01 -33.08 -8.50
CA TYR A 80 -15.64 -32.62 -8.67
C TYR A 80 -15.62 -31.54 -9.73
N MET A 81 -14.63 -30.66 -9.62
CA MET A 81 -14.30 -29.69 -10.66
C MET A 81 -12.81 -29.78 -10.93
N GLU A 82 -12.45 -29.86 -12.21
CA GLU A 82 -11.05 -30.00 -12.60
C GLU A 82 -10.70 -28.85 -13.53
N VAL A 83 -9.64 -28.13 -13.20
CA VAL A 83 -9.13 -27.04 -14.03
C VAL A 83 -7.72 -27.39 -14.47
N ARG A 84 -7.48 -27.29 -15.77
CA ARG A 84 -6.22 -27.68 -16.40
C ARG A 84 -5.56 -26.45 -17.02
N SER A 85 -4.26 -26.57 -17.28
CA SER A 85 -3.46 -25.47 -17.84
C SER A 85 -3.65 -24.19 -17.02
N LEU A 86 -3.39 -24.30 -15.72
CA LEU A 86 -3.69 -23.21 -14.80
C LEU A 86 -2.81 -21.99 -15.06
N THR A 87 -3.38 -20.82 -14.78
CA THR A 87 -2.73 -19.52 -14.94
C THR A 87 -2.91 -18.74 -13.64
N SER A 88 -2.07 -17.72 -13.44
CA SER A 88 -2.19 -16.87 -12.26
C SER A 88 -3.57 -16.21 -12.18
N ASP A 89 -4.26 -16.08 -13.31
CA ASP A 89 -5.61 -15.52 -13.31
C ASP A 89 -6.64 -16.51 -12.80
N ASP A 90 -6.26 -17.78 -12.63
CA ASP A 90 -7.14 -18.79 -12.06
C ASP A 90 -7.06 -18.83 -10.54
N THR A 91 -6.24 -17.98 -9.93
CA THR A 91 -6.17 -17.89 -8.48
C THR A 91 -7.48 -17.35 -7.94
N ALA A 92 -8.20 -18.17 -7.18
CA ALA A 92 -9.53 -17.79 -6.73
C ALA A 92 -10.04 -18.80 -5.71
N VAL A 93 -11.14 -18.45 -5.05
CA VAL A 93 -11.87 -19.37 -4.20
C VAL A 93 -13.01 -19.97 -5.03
N TYR A 94 -13.16 -21.30 -4.95
CA TYR A 94 -14.15 -22.02 -5.72
C TYR A 94 -15.18 -22.62 -4.78
N TYR A 95 -16.46 -22.41 -5.10
CA TYR A 95 -17.57 -22.93 -4.34
C TYR A 95 -18.38 -23.90 -5.17
N CYS A 96 -18.90 -24.93 -4.52
CA CYS A 96 -19.97 -25.76 -5.05
C CYS A 96 -21.27 -25.47 -4.31
N ALA A 97 -22.39 -25.55 -5.03
CA ALA A 97 -23.68 -25.26 -4.44
C ALA A 97 -24.72 -26.21 -5.01
N ARG A 98 -25.64 -26.66 -4.14
CA ARG A 98 -26.75 -27.48 -4.59
C ARG A 98 -27.67 -26.67 -5.49
N ASP A 99 -28.08 -27.25 -6.61
CA ASP A 99 -28.78 -26.50 -7.65
C ASP A 99 -29.87 -27.36 -8.27
N VAL A 100 -30.56 -26.77 -9.24
CA VAL A 100 -31.74 -27.38 -9.88
C VAL A 100 -31.33 -28.65 -10.59
N PRO A 101 -32.16 -29.71 -10.60
CA PRO A 101 -31.80 -30.95 -11.30
C PRO A 101 -32.00 -30.92 -12.80
N ALA A 102 -32.99 -30.16 -13.27
CA ALA A 102 -33.30 -30.02 -14.69
C ALA A 102 -33.24 -28.55 -15.09
N ASP A 103 -33.63 -28.28 -16.33
CA ASP A 103 -33.61 -26.91 -16.87
C ASP A 103 -34.79 -26.13 -16.31
N GLY A 104 -34.67 -25.74 -15.04
CA GLY A 104 -35.56 -24.75 -14.47
C GLY A 104 -34.79 -23.51 -14.09
N VAL A 105 -35.11 -22.91 -12.95
CA VAL A 105 -34.37 -21.78 -12.42
C VAL A 105 -33.32 -22.30 -11.44
N HIS A 106 -32.10 -21.79 -11.55
CA HIS A 106 -31.06 -22.16 -10.59
C HIS A 106 -31.32 -21.42 -9.29
N PHE A 107 -31.35 -22.16 -8.18
CA PHE A 107 -31.55 -21.55 -6.87
C PHE A 107 -30.27 -21.45 -6.05
N MET A 108 -29.39 -22.44 -6.12
CA MET A 108 -28.13 -22.46 -5.37
C MET A 108 -28.38 -22.18 -3.89
N ASP A 109 -29.17 -23.05 -3.26
CA ASP A 109 -29.66 -22.79 -1.92
C ASP A 109 -28.63 -23.10 -0.83
N VAL A 110 -27.80 -24.12 -1.02
CA VAL A 110 -26.79 -24.51 -0.02
C VAL A 110 -25.43 -24.55 -0.69
N TRP A 111 -24.44 -23.93 -0.07
CA TRP A 111 -23.08 -23.82 -0.60
C TRP A 111 -22.11 -24.64 0.24
N GLY A 112 -20.98 -24.97 -0.37
CA GLY A 112 -19.87 -25.54 0.36
C GLY A 112 -19.01 -24.45 0.98
N GLN A 113 -18.00 -24.86 1.75
CA GLN A 113 -17.21 -23.88 2.47
C GLN A 113 -16.22 -23.14 1.58
N GLY A 114 -15.88 -23.69 0.42
CA GLY A 114 -14.96 -23.05 -0.49
C GLY A 114 -13.61 -23.75 -0.53
N THR A 115 -12.86 -23.47 -1.60
CA THR A 115 -11.53 -24.02 -1.78
C THR A 115 -10.66 -22.96 -2.44
N LEU A 116 -9.61 -22.53 -1.76
CA LEU A 116 -8.69 -21.54 -2.32
C LEU A 116 -7.67 -22.24 -3.22
N VAL A 117 -7.66 -21.88 -4.50
CA VAL A 117 -6.68 -22.38 -5.45
C VAL A 117 -5.77 -21.22 -5.84
N THR A 118 -4.48 -21.36 -5.52
CA THR A 118 -3.46 -20.38 -5.83
C THR A 118 -2.56 -20.92 -6.92
N VAL A 119 -2.19 -20.06 -7.86
CA VAL A 119 -1.30 -20.41 -8.96
C VAL A 119 -0.12 -19.46 -8.92
N SER A 120 1.07 -20.01 -8.69
CA SER A 120 2.30 -19.23 -8.66
C SER A 120 3.45 -20.11 -9.12
N SER A 121 4.44 -19.49 -9.77
CA SER A 121 5.65 -20.21 -10.12
C SER A 121 6.63 -20.33 -8.96
N ALA A 122 6.34 -19.67 -7.84
CA ALA A 122 7.25 -19.62 -6.71
C ALA A 122 7.05 -20.82 -5.78
N SER A 123 8.11 -21.16 -5.06
CA SER A 123 8.05 -22.25 -4.09
C SER A 123 7.19 -21.84 -2.90
N THR A 124 6.48 -22.81 -2.34
CA THR A 124 5.67 -22.55 -1.15
C THR A 124 6.59 -22.41 0.05
N LYS A 125 6.31 -21.42 0.90
CA LYS A 125 7.18 -21.09 2.01
C LYS A 125 6.44 -21.25 3.33
N GLY A 126 7.10 -21.88 4.30
CA GLY A 126 6.55 -22.11 5.61
C GLY A 126 6.68 -20.89 6.50
N PRO A 127 5.70 -20.68 7.37
CA PRO A 127 5.74 -19.51 8.25
C PRO A 127 6.65 -19.69 9.46
N SER A 128 7.17 -18.57 9.93
CA SER A 128 7.92 -18.49 11.18
C SER A 128 7.00 -17.91 12.24
N VAL A 129 6.71 -18.70 13.27
CA VAL A 129 5.80 -18.30 14.34
C VAL A 129 6.60 -17.79 15.53
N PHE A 130 6.38 -16.54 15.91
CA PHE A 130 7.07 -15.95 17.05
C PHE A 130 6.08 -15.52 18.11
N PRO A 131 6.39 -15.66 19.39
CA PRO A 131 5.42 -15.30 20.43
C PRO A 131 5.36 -13.80 20.68
N LEU A 132 4.13 -13.31 20.82
CA LEU A 132 3.83 -11.97 21.34
C LEU A 132 3.46 -12.19 22.80
N ALA A 133 4.47 -12.15 23.66
CA ALA A 133 4.31 -12.54 25.04
C ALA A 133 3.54 -11.47 25.83
N PRO A 134 2.67 -11.89 26.75
CA PRO A 134 1.97 -10.91 27.59
C PRO A 134 2.86 -10.38 28.69
N SER A 135 2.70 -9.08 28.99
CA SER A 135 3.52 -8.42 29.99
C SER A 135 2.70 -7.28 30.60
N SER A 136 3.35 -6.53 31.50
CA SER A 136 2.72 -5.34 32.05
C SER A 136 2.36 -4.34 30.95
N LYS A 137 3.17 -4.27 29.89
CA LYS A 137 2.87 -3.38 28.78
C LYS A 137 1.67 -3.83 27.97
N SER A 138 1.34 -5.13 27.99
CA SER A 138 0.19 -5.67 27.30
C SER A 138 -0.99 -5.94 28.24
N THR A 139 -1.05 -5.26 29.38
CA THR A 139 -2.12 -5.44 30.34
C THR A 139 -2.78 -4.10 30.62
N SER A 140 -4.12 -4.10 30.65
CA SER A 140 -4.91 -2.94 31.07
C SER A 140 -5.84 -3.37 32.20
N GLY A 141 -5.29 -3.50 33.40
CA GLY A 141 -6.06 -3.91 34.55
C GLY A 141 -6.35 -5.39 34.61
N GLY A 142 -7.62 -5.77 34.41
CA GLY A 142 -8.00 -7.15 34.54
C GLY A 142 -7.88 -8.00 33.29
N THR A 143 -7.49 -7.42 32.17
CA THR A 143 -7.33 -8.16 30.91
C THR A 143 -5.89 -8.06 30.45
N ALA A 144 -5.39 -9.14 29.84
CA ALA A 144 -4.06 -9.19 29.25
C ALA A 144 -4.17 -9.69 27.82
N ALA A 145 -3.39 -9.09 26.93
CA ALA A 145 -3.38 -9.48 25.52
C ALA A 145 -2.10 -10.25 25.20
N LEU A 146 -2.25 -11.34 24.46
CA LEU A 146 -1.10 -12.14 24.04
C LEU A 146 -1.36 -12.62 22.63
N GLY A 147 -0.34 -13.17 21.99
CA GLY A 147 -0.56 -13.64 20.63
C GLY A 147 0.66 -14.32 20.04
N CYS A 148 0.59 -14.55 18.73
CA CYS A 148 1.78 -14.92 17.97
C CYS A 148 1.76 -14.24 16.61
N LEU A 149 2.97 -14.04 16.09
CA LEU A 149 3.23 -13.39 14.81
C LEU A 149 3.65 -14.46 13.81
N VAL A 150 2.84 -14.65 12.76
CA VAL A 150 3.09 -15.60 11.69
C VAL A 150 3.72 -14.83 10.54
N LYS A 151 5.00 -15.06 10.26
CA LYS A 151 5.78 -14.18 9.41
C LYS A 151 6.43 -14.95 8.27
N ASP A 152 6.45 -14.36 7.08
CA ASP A 152 7.24 -14.86 5.95
C ASP A 152 6.73 -16.20 5.46
N TYR A 153 5.49 -16.23 4.98
CA TYR A 153 4.88 -17.43 4.41
C TYR A 153 4.26 -17.10 3.06
N PHE A 154 4.35 -18.06 2.14
CA PHE A 154 3.73 -17.95 0.83
C PHE A 154 3.33 -19.34 0.39
N PRO A 155 2.17 -19.51 -0.26
CA PRO A 155 1.15 -18.47 -0.44
C PRO A 155 0.14 -18.46 0.70
N GLU A 156 -1.00 -17.83 0.47
CA GLU A 156 -2.10 -17.90 1.42
C GLU A 156 -2.89 -19.19 1.22
N PRO A 157 -3.63 -19.65 2.26
CA PRO A 157 -3.82 -19.03 3.56
C PRO A 157 -3.12 -19.77 4.70
N VAL A 158 -3.01 -19.12 5.85
CA VAL A 158 -2.68 -19.76 7.11
C VAL A 158 -3.90 -19.68 8.00
N THR A 159 -4.23 -20.79 8.65
CA THR A 159 -5.31 -20.84 9.64
C THR A 159 -4.68 -20.90 11.02
N VAL A 160 -5.06 -19.96 11.88
CA VAL A 160 -4.55 -19.91 13.24
C VAL A 160 -5.69 -20.24 14.19
N SER A 161 -5.47 -21.24 15.04
CA SER A 161 -6.37 -21.58 16.11
C SER A 161 -5.61 -21.46 17.43
N TRP A 162 -6.34 -21.42 18.52
CA TRP A 162 -5.76 -21.34 19.85
C TRP A 162 -6.20 -22.54 20.68
N ASN A 163 -5.23 -23.21 21.30
CA ASN A 163 -5.50 -24.36 22.17
C ASN A 163 -6.33 -25.42 21.47
N SER A 164 -6.00 -25.67 20.19
CA SER A 164 -6.66 -26.69 19.36
C SER A 164 -8.15 -26.42 19.23
N GLY A 165 -8.53 -25.14 19.16
CA GLY A 165 -9.91 -24.75 18.99
C GLY A 165 -10.66 -24.52 20.27
N ALA A 166 -10.08 -24.85 21.43
CA ALA A 166 -10.78 -24.67 22.70
C ALA A 166 -10.82 -23.22 23.14
N LEU A 167 -9.94 -22.37 22.61
CA LEU A 167 -9.95 -20.94 22.89
C LEU A 167 -10.29 -20.22 21.59
N THR A 168 -11.52 -19.72 21.50
CA THR A 168 -11.96 -18.92 20.37
C THR A 168 -12.52 -17.57 20.76
N SER A 169 -13.02 -17.43 21.99
CA SER A 169 -13.64 -16.18 22.43
C SER A 169 -12.56 -15.11 22.66
N GLY A 170 -12.72 -13.97 22.00
CA GLY A 170 -11.75 -12.89 22.12
C GLY A 170 -10.55 -13.00 21.20
N VAL A 171 -10.55 -13.94 20.26
CA VAL A 171 -9.45 -14.13 19.34
C VAL A 171 -9.63 -13.18 18.16
N HIS A 172 -8.60 -12.40 17.85
CA HIS A 172 -8.54 -11.59 16.65
C HIS A 172 -7.35 -12.08 15.82
N THR A 173 -7.64 -12.79 14.73
CA THR A 173 -6.64 -13.08 13.72
C THR A 173 -6.73 -12.01 12.63
N PHE A 174 -5.65 -11.29 12.43
CA PHE A 174 -5.68 -10.17 11.49
C PHE A 174 -5.52 -10.64 10.06
N PRO A 175 -6.09 -9.92 9.10
CA PRO A 175 -5.80 -10.19 7.69
C PRO A 175 -4.32 -10.05 7.42
N ALA A 176 -3.86 -10.78 6.40
CA ALA A 176 -2.44 -10.78 6.06
C ALA A 176 -2.05 -9.48 5.37
N VAL A 177 -0.80 -9.08 5.58
CA VAL A 177 -0.21 -7.92 4.94
C VAL A 177 0.85 -8.40 3.95
N LEU A 178 0.96 -7.71 2.82
CA LEU A 178 1.97 -8.03 1.83
C LEU A 178 3.26 -7.30 2.18
N GLN A 179 4.34 -8.05 2.37
CA GLN A 179 5.62 -7.45 2.67
C GLN A 179 6.39 -7.19 1.38
N SER A 180 7.48 -6.42 1.51
CA SER A 180 8.31 -6.09 0.35
C SER A 180 8.86 -7.34 -0.32
N SER A 181 9.15 -8.38 0.45
CA SER A 181 9.68 -9.63 -0.08
C SER A 181 8.68 -10.41 -0.92
N GLY A 182 7.40 -10.02 -0.91
CA GLY A 182 6.37 -10.83 -1.52
C GLY A 182 5.83 -11.92 -0.63
N LEU A 183 6.34 -12.04 0.59
CA LEU A 183 5.85 -13.00 1.56
C LEU A 183 4.78 -12.36 2.42
N TYR A 184 3.87 -13.18 2.93
CA TYR A 184 2.79 -12.68 3.77
C TYR A 184 3.13 -12.80 5.25
N SER A 185 2.43 -12.00 6.05
CA SER A 185 2.61 -12.00 7.49
C SER A 185 1.32 -11.50 8.14
N LEU A 186 0.96 -12.11 9.27
CA LEU A 186 -0.17 -11.66 10.06
C LEU A 186 0.15 -11.92 11.53
N SER A 187 -0.72 -11.42 12.40
CA SER A 187 -0.64 -11.68 13.83
C SER A 187 -1.99 -12.17 14.32
N SER A 188 -1.97 -13.10 15.26
CA SER A 188 -3.19 -13.57 15.91
C SER A 188 -3.05 -13.29 17.41
N VAL A 189 -4.01 -12.55 17.96
CA VAL A 189 -3.97 -12.15 19.35
C VAL A 189 -5.25 -12.59 20.04
N VAL A 190 -5.22 -12.56 21.37
CA VAL A 190 -6.36 -12.93 22.18
C VAL A 190 -6.21 -12.24 23.54
N THR A 191 -7.34 -11.75 24.06
CA THR A 191 -7.40 -11.13 25.38
C THR A 191 -7.97 -12.12 26.39
N VAL A 192 -7.25 -12.31 27.49
CA VAL A 192 -7.60 -13.29 28.52
C VAL A 192 -7.62 -12.57 29.87
N PRO A 193 -8.11 -13.19 30.94
CA PRO A 193 -7.99 -12.57 32.26
C PRO A 193 -6.55 -12.62 32.76
N SER A 194 -6.07 -11.49 33.26
CA SER A 194 -4.68 -11.41 33.70
C SER A 194 -4.44 -12.26 34.94
N SER A 195 -5.44 -12.38 35.82
CA SER A 195 -5.30 -13.24 36.99
C SER A 195 -5.00 -14.68 36.60
N SER A 196 -5.42 -15.10 35.41
CA SER A 196 -5.21 -16.45 34.92
C SER A 196 -3.93 -16.61 34.12
N LEU A 197 -3.03 -15.61 34.14
CA LEU A 197 -1.76 -15.79 33.44
C LEU A 197 -0.90 -16.86 34.09
N GLY A 198 -1.06 -17.07 35.41
CA GLY A 198 -0.24 -18.05 36.08
C GLY A 198 -0.68 -19.48 35.89
N THR A 199 -1.98 -19.71 35.64
CA THR A 199 -2.54 -21.05 35.64
C THR A 199 -2.96 -21.57 34.27
N GLN A 200 -3.05 -20.73 33.25
CA GLN A 200 -3.54 -21.15 31.94
C GLN A 200 -2.41 -21.31 30.94
N THR A 201 -2.62 -22.23 30.00
CA THR A 201 -1.71 -22.48 28.88
C THR A 201 -2.34 -21.95 27.59
N TYR A 202 -1.59 -21.13 26.86
CA TYR A 202 -2.03 -20.57 25.59
C TYR A 202 -1.06 -21.00 24.50
N ILE A 203 -1.55 -21.74 23.52
CA ILE A 203 -0.74 -22.33 22.45
C ILE A 203 -1.31 -21.89 21.09
N CYS A 204 -0.43 -21.47 20.20
CA CYS A 204 -0.79 -21.14 18.82
C CYS A 204 -0.71 -22.40 17.96
N ASN A 205 -1.82 -22.74 17.30
CA ASN A 205 -1.86 -23.81 16.31
C ASN A 205 -1.91 -23.10 14.96
N VAL A 206 -0.73 -22.93 14.36
CA VAL A 206 -0.59 -22.30 13.06
C VAL A 206 -0.52 -23.41 12.03
N ASN A 207 -1.46 -23.39 11.08
CA ASN A 207 -1.54 -24.40 10.04
C ASN A 207 -1.44 -23.72 8.69
N HIS A 208 -0.45 -24.12 7.90
CA HIS A 208 -0.27 -23.64 6.54
C HIS A 208 -0.42 -24.87 5.66
N LYS A 209 -1.61 -24.98 5.04
CA LYS A 209 -1.89 -26.13 4.19
C LYS A 209 -1.01 -26.19 2.96
N PRO A 210 -0.72 -25.10 2.24
CA PRO A 210 0.11 -25.23 1.03
C PRO A 210 1.52 -25.74 1.30
N SER A 211 2.12 -25.41 2.44
CA SER A 211 3.47 -25.86 2.75
C SER A 211 3.50 -27.11 3.59
N ASN A 212 2.33 -27.66 3.94
CA ASN A 212 2.22 -28.80 4.85
C ASN A 212 2.90 -28.49 6.19
N THR A 213 2.75 -27.26 6.65
CA THR A 213 3.40 -26.78 7.87
C THR A 213 2.39 -26.71 9.01
N LYS A 214 2.71 -27.36 10.13
CA LYS A 214 1.88 -27.29 11.32
C LYS A 214 2.77 -26.99 12.52
N VAL A 215 2.66 -25.78 13.06
CA VAL A 215 3.52 -25.30 14.14
C VAL A 215 2.64 -25.01 15.36
N ASP A 216 3.08 -25.47 16.52
CA ASP A 216 2.45 -25.12 17.80
C ASP A 216 3.45 -24.35 18.64
N LYS A 217 3.12 -23.11 18.97
CA LYS A 217 4.00 -22.24 19.74
C LYS A 217 3.32 -21.85 21.04
N LYS A 218 3.93 -22.23 22.17
CA LYS A 218 3.41 -21.86 23.47
C LYS A 218 3.80 -20.43 23.81
N VAL A 219 2.82 -19.61 24.19
CA VAL A 219 3.03 -18.21 24.51
C VAL A 219 3.04 -18.05 26.02
N GLU A 220 4.19 -17.64 26.56
CA GLU A 220 4.35 -17.56 28.01
C GLU A 220 4.74 -16.15 28.43
N PRO A 221 4.32 -15.72 29.61
CA PRO A 221 4.52 -14.31 30.02
C PRO A 221 5.98 -13.95 30.18
N LYS A 222 6.25 -12.65 30.06
CA LYS A 222 7.55 -12.05 30.32
C LYS A 222 7.38 -10.90 31.31
N SER A 223 8.28 -10.84 32.29
CA SER A 223 8.28 -9.74 33.25
C SER A 223 9.05 -8.53 32.72
N ASP B 1 -25.76 -12.32 -21.66
CA ASP B 1 -26.38 -12.74 -20.41
C ASP B 1 -26.85 -11.54 -19.59
N VAL B 2 -27.60 -11.82 -18.53
CA VAL B 2 -28.18 -10.76 -17.72
C VAL B 2 -27.09 -10.09 -16.89
N VAL B 3 -27.16 -8.78 -16.78
CA VAL B 3 -26.20 -7.99 -16.01
C VAL B 3 -26.91 -7.49 -14.76
N MET B 4 -26.48 -7.98 -13.61
CA MET B 4 -26.99 -7.52 -12.33
C MET B 4 -26.15 -6.34 -11.85
N THR B 5 -26.78 -5.18 -11.73
CA THR B 5 -26.13 -3.96 -11.28
C THR B 5 -26.60 -3.67 -9.86
N GLN B 6 -25.68 -3.70 -8.91
CA GLN B 6 -26.02 -3.57 -7.50
C GLN B 6 -25.52 -2.24 -6.96
N SER B 7 -26.35 -1.59 -6.16
CA SER B 7 -26.02 -0.31 -5.55
C SER B 7 -26.45 -0.31 -4.09
N PRO B 8 -25.66 0.29 -3.19
CA PRO B 8 -24.33 0.87 -3.39
C PRO B 8 -23.22 -0.15 -3.14
N LEU B 9 -21.98 0.18 -3.49
CA LEU B 9 -20.87 -0.73 -3.21
C LEU B 9 -20.62 -0.84 -1.71
N SER B 10 -20.76 0.26 -0.98
CA SER B 10 -20.57 0.29 0.47
C SER B 10 -21.76 0.97 1.12
N LEU B 11 -22.21 0.43 2.24
CA LEU B 11 -23.41 0.93 2.93
C LEU B 11 -23.18 0.95 4.43
N PRO B 12 -22.76 2.09 4.99
CA PRO B 12 -22.63 2.20 6.45
C PRO B 12 -23.94 2.58 7.12
N VAL B 13 -24.37 1.80 8.11
CA VAL B 13 -25.66 2.00 8.76
C VAL B 13 -25.43 1.99 10.28
N THR B 14 -26.24 2.77 10.98
CA THR B 14 -26.23 2.78 12.44
C THR B 14 -27.12 1.66 12.97
N LEU B 15 -26.72 1.11 14.11
CA LEU B 15 -27.49 0.05 14.75
C LEU B 15 -28.93 0.48 14.98
N GLY B 16 -29.87 -0.38 14.57
CA GLY B 16 -31.29 -0.10 14.71
C GLY B 16 -31.88 0.76 13.63
N GLN B 17 -31.06 1.23 12.67
CA GLN B 17 -31.51 2.01 11.53
C GLN B 17 -31.69 1.11 10.31
N PRO B 18 -32.57 1.47 9.37
CA PRO B 18 -32.81 0.62 8.21
C PRO B 18 -31.65 0.67 7.22
N ALA B 19 -31.62 -0.35 6.35
CA ALA B 19 -30.67 -0.41 5.25
C ALA B 19 -31.40 -0.82 3.98
N SER B 20 -31.00 -0.25 2.85
CA SER B 20 -31.66 -0.50 1.57
C SER B 20 -30.61 -0.75 0.50
N ILE B 21 -30.72 -1.89 -0.18
CA ILE B 21 -29.78 -2.29 -1.24
C ILE B 21 -30.57 -2.58 -2.50
N SER B 22 -30.21 -1.91 -3.60
CA SER B 22 -30.93 -2.02 -4.86
C SER B 22 -30.18 -2.93 -5.83
N CYS B 23 -30.94 -3.72 -6.58
CA CYS B 23 -30.40 -4.60 -7.61
C CYS B 23 -31.24 -4.41 -8.87
N ARG B 24 -30.63 -3.87 -9.92
CA ARG B 24 -31.27 -3.69 -11.20
C ARG B 24 -30.74 -4.74 -12.16
N SER B 25 -31.54 -5.06 -13.19
CA SER B 25 -31.19 -6.12 -14.12
C SER B 25 -31.36 -5.65 -15.56
N SER B 26 -30.50 -6.17 -16.44
CA SER B 26 -30.57 -5.79 -17.84
C SER B 26 -31.84 -6.31 -18.50
N GLN B 27 -32.32 -7.48 -18.08
CA GLN B 27 -33.52 -8.09 -18.65
C GLN B 27 -34.49 -8.45 -17.53
N SER B 28 -35.78 -8.38 -17.84
CA SER B 28 -36.82 -8.69 -16.86
C SER B 28 -36.65 -10.09 -16.31
N LEU B 29 -36.80 -10.22 -14.99
CA LEU B 29 -36.67 -11.50 -14.31
C LEU B 29 -38.00 -12.25 -14.20
N VAL B 30 -39.05 -11.76 -14.84
CA VAL B 30 -40.31 -12.51 -14.88
C VAL B 30 -40.13 -13.69 -15.83
N HIS B 31 -40.37 -14.89 -15.32
CA HIS B 31 -40.13 -16.11 -16.08
C HIS B 31 -41.41 -16.56 -16.78
N SER B 32 -41.26 -17.56 -17.66
CA SER B 32 -42.39 -18.03 -18.45
C SER B 32 -43.49 -18.63 -17.58
N ASP B 33 -43.12 -19.26 -16.45
CA ASP B 33 -44.11 -19.77 -15.51
C ASP B 33 -44.86 -18.67 -14.77
N THR B 34 -44.54 -17.40 -15.03
CA THR B 34 -45.20 -16.21 -14.49
C THR B 34 -44.78 -15.91 -13.05
N ASN B 35 -43.65 -16.44 -12.59
CA ASN B 35 -43.11 -16.12 -11.27
C ASN B 35 -41.77 -15.41 -11.44
N THR B 36 -41.57 -14.34 -10.68
CA THR B 36 -40.29 -13.64 -10.68
C THR B 36 -39.31 -14.34 -9.75
N TYR B 37 -38.06 -14.45 -10.20
CA TYR B 37 -37.04 -15.26 -9.52
C TYR B 37 -35.82 -14.40 -9.25
N LEU B 38 -35.69 -13.93 -8.01
CA LEU B 38 -34.48 -13.25 -7.57
C LEU B 38 -34.08 -13.76 -6.19
N ASN B 39 -32.81 -14.11 -6.03
CA ASN B 39 -32.26 -14.55 -4.76
C ASN B 39 -31.34 -13.48 -4.17
N TRP B 40 -31.26 -13.46 -2.84
CA TRP B 40 -30.35 -12.60 -2.09
C TRP B 40 -29.51 -13.47 -1.16
N PHE B 41 -28.19 -13.32 -1.25
CA PHE B 41 -27.21 -14.06 -0.47
C PHE B 41 -26.41 -13.14 0.43
N GLN B 42 -25.99 -13.68 1.57
CA GLN B 42 -25.17 -12.98 2.55
C GLN B 42 -23.88 -13.74 2.76
N GLN B 43 -22.75 -13.03 2.65
CA GLN B 43 -21.42 -13.61 2.85
C GLN B 43 -20.73 -12.91 4.00
N ARG B 44 -20.65 -13.59 5.14
CA ARG B 44 -19.83 -13.16 6.26
C ARG B 44 -18.36 -13.48 5.97
N PRO B 45 -17.43 -12.69 6.53
CA PRO B 45 -16.02 -12.82 6.15
C PRO B 45 -15.45 -14.20 6.43
N GLY B 46 -14.70 -14.73 5.45
CA GLY B 46 -14.09 -16.03 5.54
C GLY B 46 -15.04 -17.19 5.36
N GLN B 47 -16.32 -16.93 5.16
CA GLN B 47 -17.34 -17.96 5.01
C GLN B 47 -17.92 -17.90 3.61
N SER B 48 -18.66 -18.95 3.26
CA SER B 48 -19.33 -19.01 1.98
C SER B 48 -20.64 -18.22 2.03
N PRO B 49 -21.20 -17.89 0.87
CA PRO B 49 -22.49 -17.21 0.86
C PRO B 49 -23.57 -18.05 1.53
N ARG B 50 -24.53 -17.36 2.14
CA ARG B 50 -25.68 -17.97 2.76
C ARG B 50 -26.92 -17.32 2.15
N ARG B 51 -27.85 -18.14 1.69
CA ARG B 51 -29.02 -17.60 1.00
C ARG B 51 -29.98 -17.05 2.03
N LEU B 52 -30.37 -15.80 1.84
CA LEU B 52 -31.35 -15.14 2.70
C LEU B 52 -32.73 -15.11 2.07
N ILE B 53 -32.81 -14.75 0.79
CA ILE B 53 -34.10 -14.61 0.12
C ILE B 53 -34.07 -15.38 -1.19
N TYR B 54 -35.20 -16.02 -1.50
CA TYR B 54 -35.42 -16.61 -2.81
C TYR B 54 -36.78 -16.13 -3.30
N LYS B 55 -36.97 -16.15 -4.62
CA LYS B 55 -38.23 -15.74 -5.23
C LYS B 55 -38.63 -14.34 -4.77
N VAL B 56 -37.67 -13.40 -4.89
CA VAL B 56 -37.88 -11.97 -4.64
C VAL B 56 -38.10 -11.67 -3.15
N SER B 57 -39.04 -12.35 -2.52
CA SER B 57 -39.41 -12.02 -1.13
C SER B 57 -39.43 -13.18 -0.15
N ASN B 58 -39.25 -14.42 -0.59
CA ASN B 58 -39.40 -15.56 0.31
C ASN B 58 -38.15 -15.71 1.18
N ARG B 59 -38.34 -15.69 2.49
CA ARG B 59 -37.25 -15.88 3.43
C ARG B 59 -36.91 -17.35 3.56
N ASP B 60 -35.61 -17.66 3.63
CA ASP B 60 -35.19 -19.02 3.85
C ASP B 60 -35.26 -19.36 5.34
N SER B 61 -35.06 -20.64 5.64
CA SER B 61 -35.14 -21.10 7.03
C SER B 61 -34.04 -20.44 7.87
N GLY B 62 -34.42 -19.95 9.04
CA GLY B 62 -33.48 -19.31 9.94
C GLY B 62 -33.15 -17.87 9.61
N VAL B 63 -33.81 -17.29 8.61
CA VAL B 63 -33.53 -15.92 8.19
C VAL B 63 -34.42 -14.99 9.01
N PRO B 64 -33.87 -14.03 9.74
CA PRO B 64 -34.70 -13.17 10.58
C PRO B 64 -35.68 -12.35 9.75
N ASP B 65 -36.79 -11.98 10.39
CA ASP B 65 -37.81 -11.17 9.72
C ASP B 65 -37.27 -9.80 9.32
N ARG B 66 -36.20 -9.33 9.98
CA ARG B 66 -35.64 -8.02 9.67
C ARG B 66 -35.20 -7.91 8.21
N PHE B 67 -34.77 -9.03 7.62
CA PHE B 67 -34.43 -9.03 6.20
C PHE B 67 -35.71 -9.17 5.38
N SER B 68 -35.88 -8.30 4.40
CA SER B 68 -37.08 -8.27 3.57
C SER B 68 -36.68 -8.08 2.12
N GLY B 69 -37.38 -8.78 1.21
CA GLY B 69 -37.16 -8.63 -0.21
C GLY B 69 -38.39 -8.03 -0.88
N SER B 70 -38.15 -7.28 -1.96
CA SER B 70 -39.24 -6.72 -2.75
C SER B 70 -38.70 -6.39 -4.13
N GLY B 71 -39.61 -6.17 -5.06
CA GLY B 71 -39.19 -5.75 -6.39
C GLY B 71 -40.10 -6.30 -7.45
N SER B 72 -39.90 -5.78 -8.67
CA SER B 72 -40.64 -6.21 -9.83
C SER B 72 -39.84 -5.92 -11.08
N GLY B 73 -40.03 -6.77 -12.09
CA GLY B 73 -39.42 -6.56 -13.39
C GLY B 73 -37.91 -6.55 -13.36
N THR B 74 -37.30 -5.38 -13.55
CA THR B 74 -35.86 -5.24 -13.53
C THR B 74 -35.32 -4.67 -12.22
N THR B 75 -36.18 -4.21 -11.31
CA THR B 75 -35.75 -3.43 -10.17
C THR B 75 -36.18 -4.12 -8.88
N PHE B 76 -35.23 -4.43 -8.01
CA PHE B 76 -35.52 -5.13 -6.77
C PHE B 76 -34.73 -4.48 -5.64
N THR B 77 -35.17 -4.74 -4.42
CA THR B 77 -34.56 -4.13 -3.24
C THR B 77 -34.60 -5.11 -2.07
N LEU B 78 -33.49 -5.13 -1.33
CA LEU B 78 -33.40 -5.82 -0.05
C LEU B 78 -33.34 -4.77 1.05
N LYS B 79 -34.19 -4.93 2.07
CA LYS B 79 -34.29 -3.99 3.17
C LYS B 79 -34.00 -4.69 4.49
N ILE B 80 -33.31 -4.00 5.38
CA ILE B 80 -33.13 -4.42 6.76
C ILE B 80 -33.84 -3.39 7.63
N SER B 81 -34.92 -3.81 8.28
CA SER B 81 -35.77 -2.87 9.01
C SER B 81 -34.99 -2.23 10.16
N ARG B 82 -34.31 -3.05 10.96
CA ARG B 82 -33.36 -2.56 11.96
C ARG B 82 -32.08 -3.37 11.81
N VAL B 83 -30.98 -2.69 11.51
CA VAL B 83 -29.71 -3.38 11.28
C VAL B 83 -29.10 -3.74 12.62
N GLU B 84 -28.63 -4.97 12.74
CA GLU B 84 -27.99 -5.47 13.96
C GLU B 84 -26.52 -5.75 13.69
N ALA B 85 -25.78 -5.92 14.78
CA ALA B 85 -24.33 -6.10 14.68
C ALA B 85 -23.96 -7.33 13.86
N GLU B 86 -24.78 -8.38 13.93
CA GLU B 86 -24.56 -9.62 13.20
C GLU B 86 -24.83 -9.51 11.70
N ASP B 87 -25.06 -8.30 11.19
CA ASP B 87 -25.36 -8.09 9.77
C ASP B 87 -24.16 -7.60 8.99
N VAL B 88 -22.96 -7.59 9.60
CA VAL B 88 -21.75 -7.28 8.86
C VAL B 88 -21.55 -8.29 7.74
N GLY B 89 -21.10 -7.81 6.60
CA GLY B 89 -20.79 -8.70 5.50
C GLY B 89 -21.15 -8.14 4.13
N ILE B 90 -20.95 -8.95 3.10
CA ILE B 90 -21.27 -8.55 1.73
C ILE B 90 -22.59 -9.20 1.32
N TYR B 91 -23.40 -8.45 0.60
CA TYR B 91 -24.70 -8.92 0.14
C TYR B 91 -24.72 -8.96 -1.38
N TYR B 92 -25.13 -10.09 -1.93
CA TYR B 92 -25.19 -10.29 -3.37
C TYR B 92 -26.63 -10.55 -3.79
N CYS B 93 -27.00 -10.04 -4.95
CA CYS B 93 -28.22 -10.46 -5.62
C CYS B 93 -27.88 -11.40 -6.77
N MET B 94 -28.71 -12.42 -6.96
CA MET B 94 -28.47 -13.43 -7.99
C MET B 94 -29.77 -13.73 -8.71
N GLN B 95 -29.66 -13.92 -10.03
CA GLN B 95 -30.77 -14.41 -10.84
C GLN B 95 -30.37 -15.75 -11.41
N GLY B 96 -31.27 -16.72 -11.35
CA GLY B 96 -31.03 -18.04 -11.89
C GLY B 96 -32.02 -18.36 -12.99
N SER B 97 -32.79 -17.34 -13.39
CA SER B 97 -33.85 -17.55 -14.35
C SER B 97 -33.30 -17.74 -15.76
N HIS B 98 -32.25 -17.01 -16.11
CA HIS B 98 -31.72 -17.04 -17.46
C HIS B 98 -30.60 -18.07 -17.57
N TRP B 99 -30.06 -18.24 -18.77
CA TRP B 99 -29.18 -19.37 -19.05
C TRP B 99 -27.92 -19.32 -18.20
N ALA B 100 -27.29 -18.15 -18.10
CA ALA B 100 -26.12 -17.99 -17.26
C ALA B 100 -26.53 -17.30 -15.96
N PRO B 101 -26.60 -18.01 -14.84
CA PRO B 101 -26.85 -17.34 -13.56
C PRO B 101 -25.79 -16.28 -13.29
N THR B 102 -26.24 -15.09 -12.91
CA THR B 102 -25.34 -13.97 -12.72
C THR B 102 -25.61 -13.33 -11.37
N PHE B 103 -24.57 -12.72 -10.82
CA PHE B 103 -24.60 -12.10 -9.50
C PHE B 103 -24.40 -10.60 -9.63
N GLY B 104 -24.71 -9.89 -8.55
CA GLY B 104 -24.36 -8.49 -8.45
C GLY B 104 -22.93 -8.31 -8.02
N GLN B 105 -22.47 -7.05 -8.07
CA GLN B 105 -21.11 -6.74 -7.65
C GLN B 105 -20.89 -7.07 -6.19
N GLY B 106 -21.91 -6.86 -5.37
CA GLY B 106 -21.84 -7.03 -3.94
C GLY B 106 -21.88 -5.70 -3.22
N THR B 107 -22.52 -5.69 -2.05
CA THR B 107 -22.64 -4.51 -1.20
C THR B 107 -22.05 -4.84 0.16
N LYS B 108 -20.98 -4.14 0.53
CA LYS B 108 -20.41 -4.30 1.87
C LYS B 108 -21.19 -3.44 2.84
N VAL B 109 -21.72 -4.06 3.90
CA VAL B 109 -22.53 -3.35 4.89
C VAL B 109 -21.70 -3.19 6.14
N GLU B 110 -21.41 -1.94 6.50
CA GLU B 110 -20.65 -1.60 7.69
C GLU B 110 -21.57 -1.01 8.74
N ILE B 111 -21.27 -1.28 10.01
CA ILE B 111 -22.08 -0.86 11.14
C ILE B 111 -21.54 0.44 11.73
N LYS B 112 -22.45 1.36 12.05
CA LYS B 112 -22.11 2.57 12.79
C LYS B 112 -22.53 2.39 14.24
N ARG B 113 -21.59 2.61 15.16
CA ARG B 113 -21.73 2.24 16.55
C ARG B 113 -21.32 3.43 17.42
N THR B 114 -21.61 3.34 18.71
CA THR B 114 -21.12 4.35 19.65
C THR B 114 -19.59 4.32 19.72
N VAL B 115 -19.01 5.49 19.98
CA VAL B 115 -17.56 5.59 20.11
C VAL B 115 -17.07 4.70 21.23
N ALA B 116 -16.05 3.90 20.94
CA ALA B 116 -15.38 3.07 21.93
C ALA B 116 -13.88 3.23 21.76
N ALA B 117 -13.19 3.52 22.85
CA ALA B 117 -11.77 3.81 22.79
C ALA B 117 -10.94 2.52 22.71
N PRO B 118 -9.84 2.55 21.97
CA PRO B 118 -9.00 1.34 21.85
C PRO B 118 -8.27 1.05 23.15
N SER B 119 -8.04 -0.23 23.39
CA SER B 119 -7.10 -0.65 24.43
C SER B 119 -5.76 -0.88 23.76
N VAL B 120 -4.73 -0.20 24.23
CA VAL B 120 -3.43 -0.17 23.55
C VAL B 120 -2.48 -1.13 24.27
N PHE B 121 -1.87 -2.01 23.50
CA PHE B 121 -0.88 -2.94 24.00
C PHE B 121 0.35 -2.88 23.09
N ILE B 122 1.51 -3.22 23.65
CA ILE B 122 2.74 -3.25 22.88
C ILE B 122 3.50 -4.53 23.20
N PHE B 123 3.97 -5.20 22.15
CA PHE B 123 4.71 -6.44 22.27
C PHE B 123 6.11 -6.21 21.72
N PRO B 124 7.14 -6.35 22.54
CA PRO B 124 8.51 -6.22 22.06
C PRO B 124 8.90 -7.42 21.21
N PRO B 125 10.02 -7.34 20.48
CA PRO B 125 10.44 -8.49 19.67
C PRO B 125 10.83 -9.68 20.54
N SER B 126 10.47 -10.86 20.06
CA SER B 126 10.89 -12.09 20.71
C SER B 126 12.38 -12.31 20.51
N ASP B 127 12.95 -13.23 21.29
CA ASP B 127 14.38 -13.49 21.18
C ASP B 127 14.71 -14.36 19.97
N GLU B 128 13.79 -15.24 19.55
CA GLU B 128 14.02 -16.05 18.35
C GLU B 128 14.15 -15.17 17.12
N GLN B 129 13.26 -14.19 16.98
CA GLN B 129 13.32 -13.32 15.81
C GLN B 129 14.61 -12.51 15.82
N LEU B 130 15.02 -12.03 16.99
CA LEU B 130 16.28 -11.31 17.11
C LEU B 130 17.45 -12.20 16.68
N LYS B 131 17.42 -13.48 17.10
CA LYS B 131 18.40 -14.43 16.60
C LYS B 131 18.36 -14.52 15.08
N SER B 132 17.16 -14.45 14.50
CA SER B 132 17.03 -14.54 13.05
C SER B 132 17.54 -13.31 12.31
N GLY B 133 17.81 -12.21 13.02
CA GLY B 133 18.31 -11.00 12.40
C GLY B 133 17.29 -9.94 12.10
N THR B 134 16.06 -10.10 12.58
CA THR B 134 14.98 -9.15 12.35
C THR B 134 14.28 -8.88 13.67
N ALA B 135 13.65 -7.72 13.79
CA ALA B 135 12.91 -7.35 14.98
C ALA B 135 11.56 -6.76 14.57
N SER B 136 10.48 -7.42 14.99
CA SER B 136 9.13 -6.93 14.74
C SER B 136 8.54 -6.50 16.08
N VAL B 137 8.24 -5.21 16.20
CA VAL B 137 7.55 -4.64 17.36
C VAL B 137 6.09 -4.48 16.98
N VAL B 138 5.19 -4.97 17.84
CA VAL B 138 3.77 -4.97 17.53
C VAL B 138 3.04 -4.02 18.46
N CYS B 139 2.21 -3.16 17.90
CA CYS B 139 1.31 -2.30 18.65
C CYS B 139 -0.12 -2.73 18.31
N LEU B 140 -0.92 -3.00 19.34
CA LEU B 140 -2.25 -3.54 19.17
C LEU B 140 -3.28 -2.57 19.77
N LEU B 141 -4.15 -2.05 18.90
CA LEU B 141 -5.31 -1.28 19.33
C LEU B 141 -6.50 -2.23 19.29
N ASN B 142 -7.10 -2.49 20.44
CA ASN B 142 -8.09 -3.56 20.56
C ASN B 142 -9.46 -2.98 20.85
N ASN B 143 -10.45 -3.46 20.10
CA ASN B 143 -11.88 -3.22 20.34
C ASN B 143 -12.19 -1.73 20.44
N PHE B 144 -12.14 -1.08 19.28
CA PHE B 144 -12.43 0.34 19.18
C PHE B 144 -13.38 0.60 18.01
N TYR B 145 -13.99 1.79 18.04
CA TYR B 145 -14.79 2.32 16.97
C TYR B 145 -14.74 3.84 17.14
N PRO B 146 -14.64 4.62 16.05
CA PRO B 146 -14.63 4.23 14.64
C PRO B 146 -13.32 3.63 14.14
N ARG B 147 -13.36 3.13 12.90
CA ARG B 147 -12.19 2.52 12.27
C ARG B 147 -11.02 3.48 12.23
N GLU B 148 -11.29 4.77 12.09
CA GLU B 148 -10.24 5.77 11.88
C GLU B 148 -9.43 5.96 13.16
N ALA B 149 -8.14 5.66 13.10
CA ALA B 149 -7.24 5.82 14.23
C ALA B 149 -5.84 6.07 13.70
N LYS B 150 -5.10 6.96 14.35
CA LYS B 150 -3.75 7.27 13.94
C LYS B 150 -2.76 6.59 14.87
N VAL B 151 -1.84 5.82 14.31
CA VAL B 151 -0.79 5.14 15.07
C VAL B 151 0.54 5.63 14.56
N GLN B 152 1.36 6.19 15.45
CA GLN B 152 2.66 6.72 15.08
C GLN B 152 3.75 6.06 15.91
N TRP B 153 4.80 5.59 15.23
CA TRP B 153 5.93 4.99 15.93
C TRP B 153 7.00 6.02 16.21
N LYS B 154 7.56 5.97 17.41
CA LYS B 154 8.65 6.84 17.82
C LYS B 154 9.74 6.02 18.48
N VAL B 155 10.96 6.15 17.95
CA VAL B 155 12.13 5.40 18.40
C VAL B 155 13.13 6.42 18.89
N ASP B 156 13.42 6.40 20.20
CA ASP B 156 14.22 7.43 20.86
C ASP B 156 13.58 8.80 20.69
N ASN B 157 12.25 8.84 20.69
CA ASN B 157 11.40 10.03 20.55
C ASN B 157 11.46 10.63 19.16
N ALA B 158 12.15 9.99 18.21
CA ALA B 158 12.15 10.43 16.82
C ALA B 158 11.04 9.73 16.07
N LEU B 159 10.11 10.51 15.51
CA LEU B 159 8.99 9.96 14.77
C LEU B 159 9.48 9.09 13.61
N GLN B 160 8.86 7.92 13.46
CA GLN B 160 9.25 6.96 12.44
C GLN B 160 8.48 7.19 11.14
N SER B 161 9.06 6.71 10.05
CA SER B 161 8.47 6.89 8.72
C SER B 161 8.79 5.70 7.83
N GLY B 162 7.75 5.11 7.23
CA GLY B 162 7.92 4.20 6.11
C GLY B 162 8.31 2.78 6.45
N ASN B 163 8.39 2.41 7.72
CA ASN B 163 8.86 1.08 8.10
C ASN B 163 7.84 0.30 8.93
N SER B 164 6.56 0.63 8.82
CA SER B 164 5.54 -0.06 9.59
C SER B 164 4.34 -0.34 8.69
N GLN B 165 3.58 -1.38 9.04
CA GLN B 165 2.39 -1.77 8.29
C GLN B 165 1.22 -2.01 9.23
N GLU B 166 0.03 -1.60 8.80
CA GLU B 166 -1.18 -1.74 9.59
C GLU B 166 -2.08 -2.83 9.00
N SER B 167 -2.78 -3.53 9.88
CA SER B 167 -3.81 -4.48 9.49
C SER B 167 -5.02 -4.31 10.40
N VAL B 168 -6.20 -4.21 9.80
CA VAL B 168 -7.44 -4.04 10.53
C VAL B 168 -8.28 -5.29 10.40
N THR B 169 -8.86 -5.73 11.52
CA THR B 169 -9.75 -6.88 11.50
C THR B 169 -11.03 -6.53 10.77
N GLU B 170 -11.87 -7.56 10.59
CA GLU B 170 -13.24 -7.31 10.17
C GLU B 170 -14.03 -6.76 11.35
N GLN B 171 -15.02 -5.90 11.04
CA GLN B 171 -15.89 -5.39 12.09
C GLN B 171 -16.52 -6.54 12.84
N ASP B 172 -16.39 -6.51 14.17
CA ASP B 172 -16.85 -7.62 15.00
C ASP B 172 -18.35 -7.84 14.82
N SER B 173 -18.74 -9.11 14.72
CA SER B 173 -20.13 -9.46 14.51
C SER B 173 -20.98 -9.38 15.77
N LYS B 174 -20.42 -8.93 16.89
CA LYS B 174 -21.17 -8.85 18.14
C LYS B 174 -21.17 -7.44 18.72
N ASP B 175 -20.00 -6.83 18.94
CA ASP B 175 -19.92 -5.48 19.49
C ASP B 175 -19.62 -4.42 18.43
N SER B 176 -19.45 -4.81 17.17
CA SER B 176 -19.28 -3.88 16.05
C SER B 176 -18.03 -3.00 16.19
N THR B 177 -16.98 -3.52 16.80
CA THR B 177 -15.74 -2.78 16.97
C THR B 177 -14.65 -3.39 16.13
N TYR B 178 -13.58 -2.63 15.94
CA TYR B 178 -12.43 -3.06 15.16
C TYR B 178 -11.24 -3.32 16.07
N SER B 179 -10.25 -3.98 15.49
CA SER B 179 -8.93 -4.10 16.09
C SER B 179 -7.89 -3.87 15.01
N LEU B 180 -6.74 -3.34 15.42
CA LEU B 180 -5.73 -2.89 14.49
C LEU B 180 -4.37 -3.29 15.03
N SER B 181 -3.54 -3.87 14.17
CA SER B 181 -2.16 -4.20 14.51
C SER B 181 -1.25 -3.38 13.62
N SER B 182 -0.42 -2.55 14.26
CA SER B 182 0.66 -1.85 13.57
C SER B 182 1.96 -2.59 13.90
N THR B 183 2.65 -3.04 12.86
CA THR B 183 3.88 -3.81 13.02
C THR B 183 5.03 -2.98 12.45
N LEU B 184 5.94 -2.58 13.33
CA LEU B 184 7.20 -1.96 12.92
C LEU B 184 8.26 -3.04 12.75
N THR B 185 8.84 -3.13 11.56
CA THR B 185 9.81 -4.18 11.26
C THR B 185 11.15 -3.54 10.97
N LEU B 186 12.19 -4.02 11.65
CA LEU B 186 13.54 -3.49 11.53
C LEU B 186 14.52 -4.65 11.46
N SER B 187 15.76 -4.33 11.12
CA SER B 187 16.82 -5.30 11.30
C SER B 187 17.29 -5.28 12.75
N LYS B 188 17.99 -6.34 13.16
CA LYS B 188 18.48 -6.40 14.54
C LYS B 188 19.49 -5.30 14.81
N ALA B 189 20.22 -4.85 13.79
CA ALA B 189 21.17 -3.75 13.99
C ALA B 189 20.43 -2.45 14.28
N ASP B 190 19.45 -2.11 13.44
CA ASP B 190 18.62 -0.93 13.71
C ASP B 190 17.94 -1.06 15.06
N TYR B 191 17.52 -2.27 15.43
CA TYR B 191 16.86 -2.47 16.71
C TYR B 191 17.80 -2.19 17.86
N GLU B 192 19.06 -2.62 17.75
CA GLU B 192 20.01 -2.39 18.84
C GLU B 192 20.57 -0.98 18.84
N LYS B 193 20.41 -0.23 17.75
CA LYS B 193 20.91 1.15 17.73
C LYS B 193 20.23 2.02 18.78
N HIS B 194 18.96 1.72 19.11
CA HIS B 194 18.19 2.54 20.03
C HIS B 194 17.64 1.68 21.17
N LYS B 195 17.06 2.34 22.17
CA LYS B 195 16.54 1.64 23.35
C LYS B 195 15.06 1.88 23.62
N VAL B 196 14.57 3.11 23.45
CA VAL B 196 13.17 3.42 23.74
C VAL B 196 12.35 3.21 22.47
N TYR B 197 11.33 2.35 22.55
CA TYR B 197 10.42 2.12 21.43
C TYR B 197 8.99 2.36 21.90
N ALA B 198 8.27 3.23 21.19
CA ALA B 198 6.94 3.63 21.63
C ALA B 198 6.00 3.76 20.44
N CYS B 199 4.74 3.44 20.68
CA CYS B 199 3.67 3.71 19.73
C CYS B 199 2.67 4.65 20.39
N GLU B 200 2.32 5.72 19.67
CA GLU B 200 1.41 6.75 20.14
C GLU B 200 0.15 6.67 19.30
N VAL B 201 -0.98 6.52 19.98
CA VAL B 201 -2.29 6.29 19.37
C VAL B 201 -3.15 7.53 19.58
N THR B 202 -3.77 8.00 18.50
CA THR B 202 -4.76 9.06 18.54
C THR B 202 -6.07 8.49 18.03
N HIS B 203 -7.16 8.74 18.77
CA HIS B 203 -8.46 8.20 18.41
C HIS B 203 -9.54 9.12 18.96
N GLN B 204 -10.72 9.05 18.32
CA GLN B 204 -11.86 9.85 18.75
C GLN B 204 -12.28 9.51 20.17
N GLY B 205 -12.08 8.27 20.61
CA GLY B 205 -12.46 7.87 21.95
C GLY B 205 -11.49 8.29 23.03
N LEU B 206 -10.26 8.67 22.65
CA LEU B 206 -9.25 9.13 23.60
C LEU B 206 -9.25 10.65 23.67
N SER B 207 -9.29 11.19 24.89
CA SER B 207 -9.24 12.63 25.05
C SER B 207 -7.88 13.18 24.65
N SER B 208 -6.81 12.47 24.98
CA SER B 208 -5.45 12.80 24.57
C SER B 208 -4.76 11.57 24.02
N PRO B 209 -3.78 11.74 23.13
CA PRO B 209 -3.06 10.59 22.58
C PRO B 209 -2.43 9.74 23.69
N VAL B 210 -2.49 8.43 23.51
CA VAL B 210 -1.96 7.47 24.48
C VAL B 210 -0.68 6.87 23.92
N THR B 211 0.39 6.88 24.72
CA THR B 211 1.66 6.30 24.30
C THR B 211 1.95 5.06 25.13
N LYS B 212 2.33 3.98 24.45
CA LYS B 212 2.84 2.78 25.10
C LYS B 212 4.27 2.55 24.64
N SER B 213 5.17 2.32 25.59
CA SER B 213 6.60 2.25 25.28
C SER B 213 7.27 1.16 26.09
N PHE B 214 8.44 0.74 25.60
CA PHE B 214 9.30 -0.17 26.35
C PHE B 214 10.76 0.17 26.07
N ASN B 215 11.61 -0.27 26.98
CA ASN B 215 13.06 -0.18 26.85
C ASN B 215 13.61 -1.51 26.36
N ARG B 216 14.59 -1.44 25.45
CA ARG B 216 15.09 -2.65 24.81
C ARG B 216 15.74 -3.62 25.80
N GLY B 217 16.32 -3.09 26.89
CA GLY B 217 16.97 -3.97 27.85
C GLY B 217 16.01 -4.90 28.57
N GLU B 218 14.96 -4.33 29.18
CA GLU B 218 13.99 -5.09 29.96
C GLU B 218 12.67 -5.14 29.20
N CYS B 219 12.19 -6.35 28.93
CA CYS B 219 10.93 -6.58 28.22
C CYS B 219 10.91 -5.89 26.86
N GLN C 1 17.63 14.01 16.75
CA GLN C 1 17.53 14.81 17.97
C GLN C 1 17.71 16.28 17.60
N VAL C 2 18.88 16.59 17.03
CA VAL C 2 19.09 17.89 16.39
C VAL C 2 18.34 17.91 15.06
N GLN C 3 17.47 18.91 14.88
CA GLN C 3 16.54 18.87 13.76
C GLN C 3 16.19 20.28 13.30
N LEU C 4 16.13 20.47 12.00
CA LEU C 4 15.67 21.72 11.41
C LEU C 4 14.43 21.43 10.58
N VAL C 5 13.35 22.14 10.87
CA VAL C 5 12.06 21.92 10.22
C VAL C 5 11.68 23.21 9.49
N GLN C 6 11.47 23.10 8.18
CA GLN C 6 11.13 24.24 7.35
C GLN C 6 9.63 24.28 7.09
N SER C 7 9.19 25.40 6.54
CA SER C 7 7.77 25.61 6.27
C SER C 7 7.37 24.86 4.99
N GLY C 8 6.07 24.89 4.69
CA GLY C 8 5.53 24.14 3.59
C GLY C 8 5.80 24.75 2.23
N SER C 9 5.28 24.08 1.20
CA SER C 9 5.46 24.53 -0.18
C SER C 9 4.91 25.94 -0.37
N GLU C 10 5.46 26.64 -1.35
CA GLU C 10 5.05 28.00 -1.65
C GLU C 10 4.88 28.17 -3.15
N VAL C 11 3.82 28.87 -3.55
CA VAL C 11 3.59 29.23 -4.94
C VAL C 11 3.32 30.73 -5.00
N LYS C 12 4.02 31.42 -5.90
CA LYS C 12 3.91 32.86 -6.00
C LYS C 12 3.82 33.28 -7.46
N LYS C 13 3.22 34.47 -7.69
CA LYS C 13 3.31 35.00 -9.04
C LYS C 13 4.57 35.86 -9.18
N PRO C 14 5.10 36.00 -10.39
CA PRO C 14 6.30 36.84 -10.57
C PRO C 14 6.04 38.26 -10.07
N GLY C 15 6.97 38.74 -9.24
CA GLY C 15 6.85 40.02 -8.57
C GLY C 15 6.50 39.91 -7.09
N ALA C 16 5.90 38.82 -6.66
CA ALA C 16 5.51 38.64 -5.27
C ALA C 16 6.75 38.31 -4.43
N SER C 17 6.55 38.01 -3.15
CA SER C 17 7.63 37.75 -2.22
C SER C 17 7.34 36.49 -1.44
N VAL C 18 8.41 35.84 -0.96
CA VAL C 18 8.30 34.62 -0.17
C VAL C 18 9.19 34.73 1.05
N LYS C 19 8.74 34.11 2.16
CA LYS C 19 9.48 34.09 3.42
C LYS C 19 9.45 32.67 3.97
N VAL C 20 10.49 31.89 3.65
CA VAL C 20 10.64 30.54 4.18
C VAL C 20 11.16 30.61 5.61
N SER C 21 10.68 29.71 6.45
CA SER C 21 11.06 29.63 7.86
C SER C 21 11.81 28.34 8.13
N CYS C 22 12.49 28.30 9.28
CA CYS C 22 13.39 27.20 9.61
C CYS C 22 13.53 27.15 11.14
N LYS C 23 12.77 26.28 11.78
CA LYS C 23 12.78 26.16 13.24
C LYS C 23 13.75 25.07 13.67
N ALA C 24 14.62 25.41 14.62
CA ALA C 24 15.71 24.54 15.05
C ALA C 24 15.41 23.91 16.40
N SER C 25 15.80 22.64 16.56
CA SER C 25 15.70 21.92 17.82
C SER C 25 16.97 21.12 18.05
N GLY C 26 17.20 20.76 19.31
CA GLY C 26 18.27 19.87 19.67
C GLY C 26 19.63 20.50 19.91
N TYR C 27 19.73 21.82 19.86
CA TYR C 27 20.98 22.50 20.15
C TYR C 27 20.68 23.93 20.56
N ARG C 28 21.69 24.59 21.13
CA ARG C 28 21.58 26.00 21.48
C ARG C 28 21.72 26.82 20.20
N PHE C 29 20.62 27.46 19.78
CA PHE C 29 20.59 28.12 18.49
C PHE C 29 21.56 29.28 18.42
N SER C 30 21.76 30.00 19.53
CA SER C 30 22.62 31.18 19.53
C SER C 30 24.10 30.84 19.38
N ASN C 31 24.47 29.56 19.49
CA ASN C 31 25.86 29.14 19.33
C ASN C 31 26.19 28.69 17.91
N TYR C 32 25.25 28.80 16.97
CA TYR C 32 25.45 28.32 15.62
C TYR C 32 24.93 29.32 14.61
N GLY C 33 25.43 29.22 13.38
CA GLY C 33 24.91 29.97 12.27
C GLY C 33 23.93 29.15 11.44
N ILE C 34 23.41 29.80 10.40
CA ILE C 34 22.51 29.16 9.44
C ILE C 34 22.97 29.54 8.04
N SER C 35 23.12 28.54 7.18
CA SER C 35 23.40 28.75 5.77
C SER C 35 22.20 28.31 4.94
N TRP C 36 21.86 29.11 3.93
CA TRP C 36 20.76 28.81 3.02
C TRP C 36 21.31 28.37 1.67
N VAL C 37 20.79 27.26 1.16
CA VAL C 37 21.24 26.66 -0.10
C VAL C 37 20.05 26.53 -1.04
N ARG C 38 20.28 26.81 -2.31
CA ARG C 38 19.27 26.70 -3.36
C ARG C 38 19.59 25.48 -4.22
N GLN C 39 18.57 24.67 -4.50
CA GLN C 39 18.67 23.58 -5.45
C GLN C 39 17.60 23.85 -6.52
N ALA C 40 18.03 24.45 -7.61
CA ALA C 40 17.14 24.63 -8.76
C ALA C 40 16.77 23.26 -9.31
N PRO C 41 15.53 23.07 -9.76
CA PRO C 41 15.09 21.74 -10.20
C PRO C 41 16.00 21.15 -11.27
N GLY C 42 16.49 19.94 -11.01
CA GLY C 42 17.42 19.29 -11.89
C GLY C 42 18.83 19.81 -11.86
N GLN C 43 19.15 20.76 -10.98
CA GLN C 43 20.46 21.38 -10.92
C GLN C 43 21.14 21.04 -9.60
N GLY C 44 22.40 21.48 -9.47
CA GLY C 44 23.19 21.23 -8.28
C GLY C 44 22.88 22.22 -7.16
N LEU C 45 23.53 22.00 -6.03
CA LEU C 45 23.34 22.85 -4.86
C LEU C 45 24.12 24.14 -5.02
N GLU C 46 23.48 25.26 -4.70
CA GLU C 46 24.11 26.58 -4.78
C GLU C 46 23.91 27.32 -3.47
N TRP C 47 25.01 27.72 -2.84
CA TRP C 47 24.96 28.43 -1.56
C TRP C 47 24.49 29.87 -1.76
N MET C 48 23.53 30.30 -0.94
CA MET C 48 22.97 31.63 -1.04
C MET C 48 23.54 32.61 -0.02
N GLY C 49 23.51 32.25 1.26
CA GLY C 49 23.89 33.19 2.29
C GLY C 49 24.08 32.50 3.61
N TRP C 50 24.60 33.29 4.56
CA TRP C 50 24.97 32.82 5.89
C TRP C 50 24.63 33.89 6.91
N ILE C 51 24.09 33.47 8.06
CA ILE C 51 23.71 34.38 9.13
C ILE C 51 24.09 33.76 10.46
N SER C 52 24.72 34.56 11.34
CA SER C 52 25.26 34.06 12.59
C SER C 52 24.52 34.70 13.77
N ALA C 53 23.81 33.88 14.54
CA ALA C 53 23.25 34.35 15.80
C ALA C 53 24.33 34.65 16.83
N TYR C 54 25.52 34.05 16.68
CA TYR C 54 26.62 34.31 17.61
C TYR C 54 27.21 35.69 17.39
N ASN C 55 27.47 36.06 16.13
CA ASN C 55 28.11 37.32 15.78
C ASN C 55 27.13 38.40 15.39
N GLY C 56 26.04 38.05 14.70
CA GLY C 56 25.29 39.01 13.93
C GLY C 56 25.80 39.21 12.51
N ASN C 57 26.82 38.45 12.11
CA ASN C 57 27.45 38.61 10.81
C ASN C 57 26.62 37.96 9.70
N ILE C 58 26.58 38.62 8.54
CA ILE C 58 25.82 38.15 7.39
C ILE C 58 26.75 38.08 6.19
N LYS C 59 26.62 37.00 5.42
CA LYS C 59 27.28 36.89 4.13
C LYS C 59 26.25 36.57 3.06
N TYR C 60 26.40 37.18 1.89
CA TYR C 60 25.61 36.85 0.71
C TYR C 60 26.55 36.58 -0.46
N GLY C 61 26.19 35.59 -1.26
CA GLY C 61 26.99 35.25 -2.43
C GLY C 61 26.76 36.20 -3.60
N ASN C 62 25.49 36.51 -3.87
CA ASN C 62 25.17 37.38 -5.01
C ASN C 62 23.81 38.01 -4.71
N ASN C 63 23.81 39.28 -4.32
CA ASN C 63 22.60 39.93 -3.84
C ASN C 63 22.73 41.44 -4.05
N LEU C 64 23.18 41.85 -5.25
CA LEU C 64 23.48 43.26 -5.49
C LEU C 64 22.23 44.14 -5.45
N GLN C 65 21.06 43.58 -5.73
CA GLN C 65 19.82 44.33 -5.69
C GLN C 65 19.08 44.15 -4.37
N GLY C 66 19.59 43.33 -3.46
CA GLY C 66 18.95 43.15 -2.17
C GLY C 66 17.67 42.35 -2.21
N ARG C 67 17.51 41.47 -3.20
CA ARG C 67 16.28 40.68 -3.31
C ARG C 67 16.20 39.63 -2.21
N VAL C 68 17.34 39.13 -1.73
CA VAL C 68 17.39 38.11 -0.69
C VAL C 68 17.68 38.78 0.65
N THR C 69 17.05 38.29 1.71
CA THR C 69 17.29 38.79 3.06
C THR C 69 17.14 37.63 4.03
N VAL C 70 18.24 37.24 4.68
CA VAL C 70 18.21 36.22 5.72
C VAL C 70 18.16 36.90 7.08
N THR C 71 17.29 36.41 7.97
CA THR C 71 17.13 36.96 9.31
C THR C 71 16.96 35.81 10.28
N THR C 72 17.09 36.10 11.57
CA THR C 72 16.84 35.11 12.62
C THR C 72 16.18 35.77 13.83
N ASP C 73 15.43 34.96 14.55
CA ASP C 73 14.94 35.29 15.89
C ASP C 73 15.45 34.19 16.81
N THR C 74 16.51 34.52 17.56
CA THR C 74 17.06 33.57 18.53
C THR C 74 16.07 33.28 19.65
N SER C 75 15.21 34.25 19.98
CA SER C 75 14.23 34.05 21.04
C SER C 75 13.29 32.89 20.72
N THR C 76 12.94 32.73 19.45
CA THR C 76 12.08 31.64 19.01
C THR C 76 12.84 30.59 18.21
N ALA C 77 14.18 30.68 18.18
CA ALA C 77 15.04 29.67 17.55
C ALA C 77 14.65 29.43 16.09
N THR C 78 14.40 30.51 15.36
CA THR C 78 13.94 30.38 13.98
C THR C 78 14.77 31.24 13.04
N ALA C 79 15.24 30.65 11.96
CA ALA C 79 15.82 31.39 10.86
C ALA C 79 14.77 31.60 9.77
N TYR C 80 14.92 32.68 9.02
CA TYR C 80 14.07 32.98 7.89
C TYR C 80 14.91 33.40 6.70
N MET C 81 14.38 33.14 5.51
CA MET C 81 14.92 33.67 4.27
C MET C 81 13.78 34.28 3.47
N GLU C 82 13.98 35.49 2.98
CA GLU C 82 12.96 36.23 2.24
C GLU C 82 13.50 36.58 0.87
N VAL C 83 12.78 36.20 -0.17
CA VAL C 83 13.13 36.56 -1.54
C VAL C 83 12.01 37.41 -2.12
N ARG C 84 12.35 38.58 -2.64
CA ARG C 84 11.39 39.53 -3.16
C ARG C 84 11.64 39.74 -4.65
N SER C 85 10.63 40.31 -5.32
CA SER C 85 10.66 40.51 -6.76
C SER C 85 10.95 39.19 -7.46
N LEU C 86 10.15 38.19 -7.14
CA LEU C 86 10.42 36.83 -7.61
C LEU C 86 10.23 36.73 -9.11
N THR C 87 11.01 35.84 -9.72
CA THR C 87 10.93 35.58 -11.15
C THR C 87 10.81 34.08 -11.36
N SER C 88 10.42 33.70 -12.57
CA SER C 88 10.31 32.29 -12.91
C SER C 88 11.63 31.55 -12.72
N ASP C 89 12.76 32.28 -12.75
CA ASP C 89 14.07 31.68 -12.55
C ASP C 89 14.37 31.37 -11.08
N ASP C 90 13.55 31.87 -10.14
CA ASP C 90 13.72 31.58 -8.73
C ASP C 90 13.01 30.31 -8.27
N THR C 91 12.37 29.57 -9.18
CA THR C 91 11.71 28.32 -8.84
C THR C 91 12.75 27.30 -8.40
N ALA C 92 12.68 26.85 -7.15
CA ALA C 92 13.71 25.96 -6.63
C ALA C 92 13.31 25.43 -5.26
N VAL C 93 14.08 24.45 -4.78
CA VAL C 93 13.98 23.97 -3.41
C VAL C 93 15.01 24.69 -2.57
N TYR C 94 14.60 25.19 -1.40
CA TYR C 94 15.48 25.95 -0.53
C TYR C 94 15.69 25.18 0.77
N TYR C 95 16.96 25.08 1.19
CA TYR C 95 17.36 24.39 2.40
C TYR C 95 17.99 25.38 3.38
N CYS C 96 17.75 25.17 4.66
CA CYS C 96 18.54 25.79 5.73
C CYS C 96 19.40 24.71 6.38
N ALA C 97 20.59 25.11 6.82
CA ALA C 97 21.50 24.16 7.45
C ALA C 97 22.24 24.83 8.60
N ARG C 98 22.41 24.08 9.68
CA ARG C 98 23.21 24.55 10.81
C ARG C 98 24.67 24.68 10.38
N ASP C 99 25.29 25.80 10.71
CA ASP C 99 26.61 26.14 10.17
C ASP C 99 27.46 26.82 11.23
N VAL C 100 28.67 27.21 10.80
CA VAL C 100 29.74 27.75 11.66
C VAL C 100 29.24 28.99 12.39
N PRO C 101 29.67 29.24 13.64
CA PRO C 101 29.17 30.42 14.38
C PRO C 101 29.82 31.73 13.96
N ALA C 102 31.09 31.70 13.55
CA ALA C 102 31.77 32.88 13.05
C ALA C 102 32.25 32.57 11.63
N ASP C 103 32.91 33.54 10.99
CA ASP C 103 33.38 33.28 9.63
C ASP C 103 34.67 32.49 9.72
N GLY C 104 34.51 31.21 10.01
CA GLY C 104 35.58 30.24 9.92
C GLY C 104 35.29 29.29 8.77
N VAL C 105 35.49 27.99 8.98
CA VAL C 105 35.17 27.01 7.96
C VAL C 105 33.72 26.59 8.13
N HIS C 106 32.96 26.63 7.03
CA HIS C 106 31.57 26.21 7.04
C HIS C 106 31.50 24.68 6.97
N PHE C 107 30.77 24.07 7.89
CA PHE C 107 30.58 22.62 7.86
C PHE C 107 29.20 22.21 7.38
N MET C 108 28.15 22.94 7.74
CA MET C 108 26.77 22.65 7.34
C MET C 108 26.42 21.19 7.63
N ASP C 109 26.47 20.85 8.92
CA ASP C 109 26.39 19.46 9.33
C ASP C 109 24.97 18.90 9.32
N VAL C 110 23.97 19.71 9.64
CA VAL C 110 22.58 19.27 9.69
C VAL C 110 21.75 20.20 8.81
N TRP C 111 20.94 19.62 7.94
CA TRP C 111 20.12 20.35 6.99
C TRP C 111 18.64 20.24 7.34
N GLY C 112 17.85 21.16 6.79
CA GLY C 112 16.42 21.06 6.83
C GLY C 112 15.91 20.18 5.70
N GLN C 113 14.60 19.95 5.70
CA GLN C 113 14.01 19.05 4.73
C GLN C 113 13.84 19.67 3.35
N GLY C 114 13.84 20.98 3.25
CA GLY C 114 13.68 21.66 1.99
C GLY C 114 12.31 22.30 1.85
N THR C 115 12.22 23.26 0.92
CA THR C 115 10.97 23.95 0.66
C THR C 115 10.88 24.25 -0.83
N LEU C 116 9.86 23.71 -1.50
CA LEU C 116 9.68 23.98 -2.91
C LEU C 116 8.95 25.29 -3.10
N VAL C 117 9.60 26.25 -3.76
CA VAL C 117 9.02 27.53 -4.11
C VAL C 117 8.88 27.56 -5.63
N THR C 118 7.63 27.67 -6.09
CA THR C 118 7.32 27.74 -7.51
C THR C 118 6.87 29.15 -7.85
N VAL C 119 7.41 29.69 -8.95
CA VAL C 119 7.06 31.00 -9.45
C VAL C 119 6.65 30.86 -10.91
N SER C 120 5.39 31.15 -11.22
CA SER C 120 4.91 31.11 -12.59
C SER C 120 3.79 32.13 -12.76
N SER C 121 3.70 32.69 -13.95
CA SER C 121 2.63 33.60 -14.32
C SER C 121 1.35 32.88 -14.71
N ALA C 122 1.36 31.55 -14.77
CA ALA C 122 0.21 30.81 -15.28
C ALA C 122 -0.83 30.61 -14.19
N SER C 123 -2.08 30.47 -14.61
CA SER C 123 -3.19 30.27 -13.69
C SER C 123 -3.12 28.90 -13.03
N THR C 124 -3.48 28.85 -11.75
CA THR C 124 -3.53 27.60 -11.01
C THR C 124 -4.78 26.80 -11.37
N LYS C 125 -4.60 25.49 -11.59
CA LYS C 125 -5.68 24.59 -11.97
C LYS C 125 -5.81 23.49 -10.93
N GLY C 126 -7.05 23.19 -10.55
CA GLY C 126 -7.31 22.18 -9.55
C GLY C 126 -7.25 20.78 -10.12
N PRO C 127 -6.74 19.83 -9.34
CA PRO C 127 -6.62 18.46 -9.82
C PRO C 127 -7.94 17.70 -9.73
N SER C 128 -8.10 16.77 -10.67
CA SER C 128 -9.20 15.82 -10.67
C SER C 128 -8.66 14.47 -10.20
N VAL C 129 -9.17 13.99 -9.08
CA VAL C 129 -8.73 12.72 -8.49
C VAL C 129 -9.71 11.64 -8.91
N PHE C 130 -9.21 10.62 -9.62
CA PHE C 130 -10.06 9.52 -10.05
C PHE C 130 -9.53 8.20 -9.49
N PRO C 131 -10.40 7.26 -9.15
CA PRO C 131 -9.93 5.99 -8.59
C PRO C 131 -9.41 5.05 -9.66
N LEU C 132 -8.27 4.41 -9.38
CA LEU C 132 -7.75 3.30 -10.16
C LEU C 132 -8.15 2.05 -9.38
N ALA C 133 -9.34 1.54 -9.71
CA ALA C 133 -9.95 0.48 -8.93
C ALA C 133 -9.27 -0.86 -9.22
N PRO C 134 -9.07 -1.70 -8.20
CA PRO C 134 -8.52 -3.02 -8.43
C PRO C 134 -9.58 -3.97 -8.99
N SER C 135 -9.15 -4.84 -9.89
CA SER C 135 -10.04 -5.78 -10.55
C SER C 135 -9.26 -7.03 -10.90
N SER C 136 -9.93 -7.97 -11.58
CA SER C 136 -9.23 -9.13 -12.10
C SER C 136 -8.13 -8.73 -13.07
N LYS C 137 -8.34 -7.64 -13.81
CA LYS C 137 -7.31 -7.11 -14.70
C LYS C 137 -6.19 -6.43 -13.92
N SER C 138 -6.46 -6.00 -12.68
CA SER C 138 -5.45 -5.41 -11.80
C SER C 138 -4.91 -6.42 -10.80
N THR C 139 -5.02 -7.71 -11.11
CA THR C 139 -4.58 -8.79 -10.23
C THR C 139 -3.58 -9.69 -10.95
N SER C 140 -2.52 -10.06 -10.24
CA SER C 140 -1.56 -11.08 -10.70
C SER C 140 -1.51 -12.13 -9.60
N GLY C 141 -2.53 -12.98 -9.55
CA GLY C 141 -2.60 -14.05 -8.57
C GLY C 141 -3.02 -13.56 -7.19
N GLY C 142 -2.07 -13.59 -6.25
CA GLY C 142 -2.31 -13.23 -4.86
C GLY C 142 -2.11 -11.78 -4.51
N THR C 143 -1.75 -10.95 -5.48
CA THR C 143 -1.50 -9.53 -5.26
C THR C 143 -2.50 -8.71 -6.06
N ALA C 144 -2.93 -7.59 -5.49
CA ALA C 144 -3.83 -6.68 -6.18
C ALA C 144 -3.21 -5.29 -6.18
N ALA C 145 -3.31 -4.60 -7.31
CA ALA C 145 -2.80 -3.25 -7.45
C ALA C 145 -3.97 -2.28 -7.49
N LEU C 146 -3.86 -1.18 -6.76
CA LEU C 146 -4.90 -0.16 -6.76
C LEU C 146 -4.23 1.20 -6.68
N GLY C 147 -5.00 2.25 -6.91
CA GLY C 147 -4.38 3.56 -6.82
C GLY C 147 -5.38 4.67 -7.06
N CYS C 148 -4.85 5.87 -7.24
CA CYS C 148 -5.64 6.95 -7.80
C CYS C 148 -4.82 7.76 -8.79
N LEU C 149 -5.52 8.32 -9.77
CA LEU C 149 -4.94 9.11 -10.85
C LEU C 149 -5.28 10.57 -10.60
N VAL C 150 -4.25 11.39 -10.39
CA VAL C 150 -4.38 12.83 -10.15
C VAL C 150 -4.10 13.53 -11.48
N LYS C 151 -5.09 14.19 -12.04
CA LYS C 151 -5.01 14.65 -13.42
C LYS C 151 -5.25 16.16 -13.51
N ASP C 152 -4.48 16.83 -14.36
CA ASP C 152 -4.75 18.21 -14.76
C ASP C 152 -4.63 19.16 -13.59
N TYR C 153 -3.44 19.29 -13.03
CA TYR C 153 -3.16 20.23 -11.96
C TYR C 153 -1.92 21.03 -12.29
N PHE C 154 -1.92 22.30 -11.89
CA PHE C 154 -0.78 23.17 -12.06
C PHE C 154 -0.77 24.15 -10.89
N PRO C 155 0.41 24.51 -10.36
CA PRO C 155 1.72 23.94 -10.69
C PRO C 155 2.06 22.75 -9.80
N GLU C 156 3.35 22.41 -9.72
CA GLU C 156 3.79 21.42 -8.76
C GLU C 156 3.94 22.05 -7.39
N PRO C 157 3.86 21.25 -6.31
CA PRO C 157 3.69 19.80 -6.30
C PRO C 157 2.31 19.33 -5.85
N VAL C 158 2.02 18.06 -6.11
CA VAL C 158 0.91 17.34 -5.49
C VAL C 158 1.50 16.31 -4.55
N THR C 159 0.98 16.25 -3.32
CA THR C 159 1.40 15.23 -2.37
C THR C 159 0.30 14.19 -2.21
N VAL C 160 0.67 12.92 -2.43
CA VAL C 160 -0.26 11.80 -2.28
C VAL C 160 0.21 10.96 -1.10
N SER C 161 -0.71 10.70 -0.18
CA SER C 161 -0.48 9.77 0.91
C SER C 161 -1.53 8.67 0.83
N TRP C 162 -1.27 7.56 1.51
CA TRP C 162 -2.23 6.46 1.57
C TRP C 162 -2.58 6.17 3.01
N ASN C 163 -3.88 6.09 3.29
CA ASN C 163 -4.39 5.79 4.63
C ASN C 163 -3.80 6.74 5.67
N SER C 164 -3.70 8.02 5.28
CA SER C 164 -3.22 9.08 6.16
C SER C 164 -1.78 8.84 6.62
N GLY C 165 -0.97 8.24 5.75
CA GLY C 165 0.43 7.99 6.05
C GLY C 165 0.72 6.64 6.67
N ALA C 166 -0.31 5.88 7.06
CA ALA C 166 -0.10 4.58 7.68
C ALA C 166 0.24 3.49 6.68
N LEU C 167 -0.03 3.71 5.40
CA LEU C 167 0.26 2.77 4.33
C LEU C 167 1.37 3.35 3.46
N THR C 168 2.59 2.81 3.62
CA THR C 168 3.73 3.23 2.81
C THR C 168 4.41 2.09 2.08
N SER C 169 4.28 0.85 2.56
CA SER C 169 4.99 -0.27 1.93
C SER C 169 4.37 -0.62 0.59
N GLY C 170 5.18 -0.61 -0.45
CA GLY C 170 4.72 -0.92 -1.79
C GLY C 170 4.05 0.23 -2.51
N VAL C 171 4.09 1.43 -1.96
CA VAL C 171 3.47 2.61 -2.59
C VAL C 171 4.45 3.20 -3.58
N HIS C 172 4.01 3.39 -4.82
CA HIS C 172 4.76 4.09 -5.85
C HIS C 172 3.95 5.30 -6.29
N THR C 173 4.40 6.49 -5.89
CA THR C 173 3.91 7.74 -6.48
C THR C 173 4.85 8.14 -7.61
N PHE C 174 4.32 8.21 -8.82
CA PHE C 174 5.14 8.46 -9.99
C PHE C 174 5.43 9.94 -10.14
N PRO C 175 6.56 10.30 -10.74
CA PRO C 175 6.81 11.69 -11.10
C PRO C 175 5.71 12.21 -12.03
N ALA C 176 5.46 13.51 -11.96
CA ALA C 176 4.44 14.11 -12.79
C ALA C 176 4.93 14.21 -14.23
N VAL C 177 4.01 14.09 -15.17
CA VAL C 177 4.30 14.26 -16.58
C VAL C 177 3.64 15.55 -17.05
N LEU C 178 4.34 16.29 -17.91
CA LEU C 178 3.84 17.54 -18.45
C LEU C 178 3.01 17.23 -19.69
N GLN C 179 1.75 17.65 -19.66
CA GLN C 179 0.84 17.42 -20.77
C GLN C 179 0.87 18.59 -21.75
N SER C 180 0.24 18.38 -22.91
CA SER C 180 0.19 19.42 -23.93
C SER C 180 -0.44 20.70 -23.41
N SER C 181 -1.42 20.58 -22.51
CA SER C 181 -2.09 21.73 -21.93
C SER C 181 -1.20 22.55 -21.01
N GLY C 182 -0.02 22.05 -20.66
CA GLY C 182 0.78 22.68 -19.64
C GLY C 182 0.44 22.27 -18.22
N LEU C 183 -0.56 21.39 -18.06
CA LEU C 183 -0.95 20.89 -16.75
C LEU C 183 -0.21 19.59 -16.45
N TYR C 184 -0.02 19.32 -15.16
CA TYR C 184 0.65 18.11 -14.71
C TYR C 184 -0.36 17.01 -14.36
N SER C 185 0.14 15.78 -14.34
CA SER C 185 -0.66 14.63 -13.98
C SER C 185 0.27 13.54 -13.47
N LEU C 186 -0.19 12.82 -12.46
CA LEU C 186 0.56 11.69 -11.93
C LEU C 186 -0.41 10.61 -11.48
N SER C 187 0.14 9.46 -11.14
CA SER C 187 -0.62 8.35 -10.58
C SER C 187 0.08 7.86 -9.32
N SER C 188 -0.70 7.45 -8.33
CA SER C 188 -0.15 6.81 -7.15
C SER C 188 -0.77 5.43 -7.03
N VAL C 189 0.09 4.41 -6.97
CA VAL C 189 -0.36 3.02 -6.92
C VAL C 189 0.23 2.33 -5.71
N VAL C 190 -0.36 1.19 -5.37
CA VAL C 190 0.09 0.38 -4.24
C VAL C 190 -0.39 -1.05 -4.47
N THR C 191 0.49 -2.00 -4.16
CA THR C 191 0.18 -3.43 -4.23
C THR C 191 -0.09 -3.97 -2.84
N VAL C 192 -1.24 -4.62 -2.67
CA VAL C 192 -1.70 -5.13 -1.39
C VAL C 192 -2.09 -6.59 -1.60
N PRO C 193 -2.36 -7.37 -0.54
CA PRO C 193 -2.92 -8.71 -0.76
C PRO C 193 -4.36 -8.60 -1.23
N SER C 194 -4.70 -9.33 -2.28
CA SER C 194 -6.05 -9.23 -2.84
C SER C 194 -7.07 -9.80 -1.87
N SER C 195 -6.70 -10.82 -1.10
CA SER C 195 -7.59 -11.34 -0.07
C SER C 195 -7.95 -10.27 0.95
N SER C 196 -7.08 -9.28 1.13
CA SER C 196 -7.31 -8.20 2.08
C SER C 196 -8.01 -7.01 1.44
N LEU C 197 -8.49 -7.14 0.20
CA LEU C 197 -9.30 -6.08 -0.38
C LEU C 197 -10.65 -5.96 0.30
N GLY C 198 -11.17 -7.07 0.83
CA GLY C 198 -12.49 -7.04 1.44
C GLY C 198 -12.54 -6.45 2.83
N THR C 199 -11.45 -6.53 3.60
CA THR C 199 -11.47 -6.13 5.00
C THR C 199 -10.67 -4.85 5.26
N GLN C 200 -9.86 -4.40 4.32
CA GLN C 200 -9.04 -3.22 4.52
C GLN C 200 -9.66 -2.06 3.75
N THR C 201 -9.50 -0.85 4.29
CA THR C 201 -9.92 0.36 3.62
C THR C 201 -8.68 1.08 3.10
N TYR C 202 -8.68 1.39 1.81
CA TYR C 202 -7.56 2.08 1.18
C TYR C 202 -8.05 3.43 0.67
N ILE C 203 -7.51 4.49 1.24
CA ILE C 203 -7.90 5.85 0.91
C ILE C 203 -6.66 6.61 0.49
N CYS C 204 -6.70 7.22 -0.68
CA CYS C 204 -5.61 8.09 -1.11
C CYS C 204 -5.94 9.53 -0.75
N ASN C 205 -5.02 10.17 -0.05
CA ASN C 205 -5.13 11.56 0.37
C ASN C 205 -4.27 12.40 -0.58
N VAL C 206 -4.92 13.00 -1.56
CA VAL C 206 -4.27 13.85 -2.56
C VAL C 206 -4.42 15.30 -2.12
N ASN C 207 -3.30 16.00 -1.91
CA ASN C 207 -3.30 17.38 -1.46
C ASN C 207 -2.52 18.25 -2.43
N HIS C 208 -3.19 19.27 -2.96
CA HIS C 208 -2.59 20.30 -3.82
C HIS C 208 -2.83 21.65 -3.16
N LYS C 209 -1.77 22.22 -2.58
CA LYS C 209 -1.91 23.51 -1.89
C LYS C 209 -2.32 24.67 -2.77
N PRO C 210 -1.76 24.88 -3.97
CA PRO C 210 -2.13 26.07 -4.75
C PRO C 210 -3.60 26.13 -5.13
N SER C 211 -4.26 24.99 -5.31
CA SER C 211 -5.65 24.94 -5.75
C SER C 211 -6.66 24.89 -4.62
N ASN C 212 -6.21 24.97 -3.36
CA ASN C 212 -7.09 24.73 -2.21
C ASN C 212 -7.70 23.34 -2.29
N THR C 213 -6.92 22.38 -2.76
CA THR C 213 -7.41 21.03 -2.97
C THR C 213 -6.89 20.12 -1.86
N LYS C 214 -7.81 19.54 -1.09
CA LYS C 214 -7.49 18.46 -0.16
C LYS C 214 -8.59 17.42 -0.35
N VAL C 215 -8.25 16.32 -1.04
CA VAL C 215 -9.22 15.31 -1.43
C VAL C 215 -8.80 13.99 -0.80
N ASP C 216 -9.77 13.29 -0.21
CA ASP C 216 -9.57 11.94 0.27
C ASP C 216 -10.49 11.05 -0.54
N LYS C 217 -9.92 10.12 -1.29
CA LYS C 217 -10.68 9.26 -2.20
C LYS C 217 -10.52 7.81 -1.80
N LYS C 218 -11.65 7.16 -1.49
CA LYS C 218 -11.66 5.75 -1.18
C LYS C 218 -11.64 4.94 -2.47
N VAL C 219 -10.72 3.97 -2.54
CA VAL C 219 -10.55 3.14 -3.73
C VAL C 219 -11.21 1.79 -3.47
N GLU C 220 -12.25 1.48 -4.25
CA GLU C 220 -13.04 0.28 -4.08
C GLU C 220 -13.03 -0.56 -5.35
N PRO C 221 -13.09 -1.89 -5.22
CA PRO C 221 -12.96 -2.75 -6.40
C PRO C 221 -14.13 -2.59 -7.36
N LYS C 222 -13.85 -2.86 -8.63
CA LYS C 222 -14.86 -2.87 -9.69
C LYS C 222 -14.74 -4.14 -10.51
N SER C 223 -15.88 -4.74 -10.84
CA SER C 223 -15.90 -5.91 -11.72
C SER C 223 -15.88 -5.50 -13.19
N ASP D 1 35.39 32.54 -7.27
CA ASP D 1 35.12 31.49 -6.30
C ASP D 1 35.68 30.14 -6.77
N VAL D 2 35.71 29.17 -5.86
CA VAL D 2 36.26 27.85 -6.17
C VAL D 2 35.26 27.05 -6.98
N VAL D 3 35.75 26.32 -7.98
CA VAL D 3 34.93 25.47 -8.82
C VAL D 3 35.25 24.02 -8.49
N MET D 4 34.29 23.31 -7.91
CA MET D 4 34.42 21.89 -7.62
C MET D 4 33.97 21.07 -8.83
N THR D 5 34.89 20.31 -9.41
CA THR D 5 34.61 19.48 -10.57
C THR D 5 34.58 18.02 -10.15
N GLN D 6 33.45 17.36 -10.38
CA GLN D 6 33.19 16.00 -9.93
C GLN D 6 33.14 15.06 -11.12
N SER D 7 33.76 13.89 -10.97
CA SER D 7 33.73 12.88 -12.02
C SER D 7 33.49 11.48 -11.44
N PRO D 8 32.65 10.67 -12.09
CA PRO D 8 31.82 11.06 -13.23
C PRO D 8 30.47 11.61 -12.78
N LEU D 9 29.70 12.21 -13.70
CA LEU D 9 28.37 12.70 -13.34
C LEU D 9 27.43 11.56 -13.00
N SER D 10 27.55 10.44 -13.70
CA SER D 10 26.72 9.27 -13.45
C SER D 10 27.62 8.06 -13.27
N LEU D 11 27.29 7.22 -12.29
CA LEU D 11 28.12 6.09 -11.91
C LEU D 11 27.24 4.87 -11.62
N PRO D 12 27.05 3.98 -12.59
CA PRO D 12 26.29 2.75 -12.34
C PRO D 12 27.19 1.68 -11.73
N VAL D 13 26.76 1.15 -10.58
CA VAL D 13 27.56 0.19 -9.82
C VAL D 13 26.70 -1.03 -9.51
N THR D 14 27.35 -2.20 -9.47
CA THR D 14 26.69 -3.44 -9.09
C THR D 14 26.73 -3.61 -7.57
N LEU D 15 25.68 -4.25 -7.04
CA LEU D 15 25.62 -4.54 -5.61
C LEU D 15 26.87 -5.26 -5.14
N GLY D 16 27.48 -4.74 -4.08
CA GLY D 16 28.67 -5.34 -3.52
C GLY D 16 29.97 -5.01 -4.22
N GLN D 17 29.92 -4.21 -5.31
CA GLN D 17 31.10 -3.77 -6.03
C GLN D 17 31.51 -2.38 -5.59
N PRO D 18 32.79 -2.02 -5.69
CA PRO D 18 33.23 -0.71 -5.20
C PRO D 18 32.75 0.42 -6.10
N ALA D 19 32.76 1.62 -5.53
CA ALA D 19 32.48 2.84 -6.27
C ALA D 19 33.47 3.90 -5.86
N SER D 20 33.91 4.70 -6.83
CA SER D 20 34.91 5.75 -6.59
C SER D 20 34.46 7.02 -7.28
N ILE D 21 34.38 8.11 -6.52
CA ILE D 21 33.91 9.40 -7.00
C ILE D 21 35.01 10.43 -6.77
N SER D 22 35.39 11.14 -7.83
CA SER D 22 36.51 12.08 -7.78
C SER D 22 36.01 13.52 -7.67
N CYS D 23 36.69 14.30 -6.83
CA CYS D 23 36.40 15.71 -6.62
C CYS D 23 37.70 16.50 -6.73
N ARG D 24 37.73 17.46 -7.64
CA ARG D 24 38.89 18.32 -7.85
C ARG D 24 38.49 19.76 -7.58
N SER D 25 39.31 20.46 -6.82
CA SER D 25 39.06 21.85 -6.45
C SER D 25 39.99 22.77 -7.25
N SER D 26 39.48 23.97 -7.56
CA SER D 26 40.27 24.93 -8.31
C SER D 26 41.43 25.47 -7.48
N GLN D 27 41.23 25.62 -6.17
CA GLN D 27 42.25 26.15 -5.28
C GLN D 27 42.44 25.20 -4.10
N SER D 28 43.66 25.18 -3.57
CA SER D 28 43.98 24.30 -2.45
C SER D 28 43.02 24.53 -1.28
N LEU D 29 42.54 23.44 -0.70
CA LEU D 29 41.62 23.50 0.42
C LEU D 29 42.32 23.47 1.78
N VAL D 30 43.65 23.54 1.79
CA VAL D 30 44.39 23.64 3.05
C VAL D 30 44.22 25.04 3.63
N HIS D 31 43.71 25.12 4.85
CA HIS D 31 43.42 26.39 5.50
C HIS D 31 44.57 26.81 6.39
N SER D 32 44.48 28.05 6.89
CA SER D 32 45.53 28.61 7.74
C SER D 32 45.68 27.85 9.05
N ASP D 33 44.58 27.28 9.57
CA ASP D 33 44.66 26.46 10.78
C ASP D 33 45.39 25.15 10.56
N THR D 34 45.85 24.88 9.33
CA THR D 34 46.64 23.72 8.94
C THR D 34 45.81 22.44 8.81
N ASN D 35 44.48 22.57 8.69
CA ASN D 35 43.60 21.44 8.45
C ASN D 35 42.90 21.61 7.11
N THR D 36 42.88 20.53 6.32
CA THR D 36 42.13 20.53 5.08
C THR D 36 40.66 20.20 5.35
N TYR D 37 39.77 20.95 4.70
CA TYR D 37 38.34 20.89 4.98
C TYR D 37 37.57 20.59 3.70
N LEU D 38 37.17 19.33 3.53
CA LEU D 38 36.28 18.95 2.45
C LEU D 38 35.22 18.01 3.00
N ASN D 39 33.96 18.30 2.69
CA ASN D 39 32.82 17.50 3.11
C ASN D 39 32.25 16.70 1.94
N TRP D 40 31.66 15.56 2.27
CA TRP D 40 30.90 14.73 1.33
C TRP D 40 29.50 14.55 1.86
N PHE D 41 28.52 14.87 1.01
CA PHE D 41 27.10 14.78 1.30
C PHE D 41 26.44 13.76 0.39
N GLN D 42 25.40 13.13 0.90
CA GLN D 42 24.60 12.15 0.18
C GLN D 42 23.15 12.61 0.17
N GLN D 43 22.55 12.63 -1.02
CA GLN D 43 21.14 12.99 -1.20
C GLN D 43 20.45 11.75 -1.76
N ARG D 44 19.72 11.05 -0.90
CA ARG D 44 18.88 9.95 -1.33
C ARG D 44 17.63 10.51 -2.04
N PRO D 45 17.04 9.73 -2.94
CA PRO D 45 15.97 10.27 -3.79
C PRO D 45 14.81 10.85 -2.98
N GLY D 46 14.42 12.07 -3.36
CA GLY D 46 13.32 12.77 -2.70
C GLY D 46 13.62 13.35 -1.34
N GLN D 47 14.83 13.18 -0.82
CA GLN D 47 15.18 13.65 0.51
C GLN D 47 16.23 14.76 0.42
N SER D 48 16.44 15.42 1.56
CA SER D 48 17.42 16.48 1.65
C SER D 48 18.84 15.91 1.78
N PRO D 49 19.87 16.70 1.51
CA PRO D 49 21.24 16.21 1.66
C PRO D 49 21.55 15.82 3.10
N ARG D 50 22.37 14.78 3.24
CA ARG D 50 22.85 14.32 4.54
C ARG D 50 24.37 14.19 4.47
N ARG D 51 25.07 14.75 5.45
CA ARG D 51 26.53 14.79 5.42
C ARG D 51 27.10 13.43 5.82
N LEU D 52 28.01 12.92 5.00
CA LEU D 52 28.70 11.66 5.25
C LEU D 52 30.11 11.88 5.80
N ILE D 53 30.86 12.80 5.22
CA ILE D 53 32.24 13.07 5.62
C ILE D 53 32.39 14.57 5.84
N TYR D 54 33.21 14.96 6.80
CA TYR D 54 33.42 16.40 7.01
C TYR D 54 34.87 16.83 6.96
N LYS D 55 35.79 16.16 7.66
CA LYS D 55 37.20 16.53 7.58
C LYS D 55 37.96 15.58 6.67
N VAL D 56 37.50 15.52 5.42
CA VAL D 56 38.13 14.77 4.34
C VAL D 56 37.93 13.27 4.55
N SER D 57 38.22 12.79 5.75
CA SER D 57 38.12 11.36 6.05
C SER D 57 37.24 11.02 7.24
N ASN D 58 36.77 12.00 8.01
CA ASN D 58 36.02 11.73 9.22
C ASN D 58 34.56 11.43 8.90
N ARG D 59 34.08 10.27 9.33
CA ARG D 59 32.68 9.89 9.14
C ARG D 59 31.78 10.56 10.18
N ASP D 60 30.61 10.98 9.72
CA ASP D 60 29.62 11.59 10.59
C ASP D 60 28.83 10.51 11.33
N SER D 61 27.98 10.94 12.25
CA SER D 61 27.22 10.00 13.06
C SER D 61 26.29 9.15 12.21
N GLY D 62 26.30 7.84 12.45
CA GLY D 62 25.45 6.93 11.74
C GLY D 62 25.92 6.51 10.36
N VAL D 63 27.12 6.92 9.96
CA VAL D 63 27.63 6.65 8.62
C VAL D 63 28.38 5.31 8.65
N PRO D 64 27.98 4.33 7.85
CA PRO D 64 28.67 3.03 7.85
C PRO D 64 30.11 3.15 7.39
N ASP D 65 30.93 2.18 7.83
CA ASP D 65 32.34 2.15 7.46
C ASP D 65 32.54 2.02 5.95
N ARG D 66 31.54 1.54 5.23
CA ARG D 66 31.67 1.37 3.78
C ARG D 66 32.04 2.69 3.08
N PHE D 67 31.58 3.82 3.63
CA PHE D 67 31.96 5.12 3.10
C PHE D 67 33.34 5.52 3.61
N SER D 68 34.22 5.92 2.69
CA SER D 68 35.58 6.32 3.03
C SER D 68 35.94 7.57 2.24
N GLY D 69 36.61 8.51 2.89
CA GLY D 69 37.09 9.71 2.22
C GLY D 69 38.60 9.74 2.21
N SER D 70 39.16 10.37 1.17
CA SER D 70 40.60 10.54 1.12
C SER D 70 40.93 11.69 0.19
N GLY D 71 42.13 12.21 0.33
CA GLY D 71 42.59 13.26 -0.56
C GLY D 71 43.49 14.25 0.17
N SER D 72 44.11 15.12 -0.62
CA SER D 72 44.97 16.18 -0.13
C SER D 72 44.98 17.31 -1.14
N GLY D 73 45.13 18.53 -0.63
CA GLY D 73 45.24 19.69 -1.49
C GLY D 73 44.02 19.94 -2.36
N THR D 74 44.18 19.72 -3.66
CA THR D 74 43.12 19.89 -4.64
C THR D 74 42.48 18.58 -5.06
N THR D 75 42.97 17.44 -4.57
CA THR D 75 42.68 16.13 -5.12
C THR D 75 41.99 15.27 -4.08
N PHE D 76 40.73 14.88 -4.32
CA PHE D 76 40.00 14.07 -3.34
C PHE D 76 39.16 13.00 -4.01
N THR D 77 38.84 11.96 -3.22
CA THR D 77 38.05 10.83 -3.67
C THR D 77 37.19 10.34 -2.52
N LEU D 78 35.94 9.99 -2.84
CA LEU D 78 35.03 9.27 -1.97
C LEU D 78 34.87 7.84 -2.50
N LYS D 79 35.04 6.85 -1.63
CA LYS D 79 34.92 5.46 -2.04
C LYS D 79 33.87 4.75 -1.21
N ILE D 80 33.12 3.89 -1.88
CA ILE D 80 32.21 2.94 -1.23
C ILE D 80 32.76 1.55 -1.51
N SER D 81 33.21 0.88 -0.45
CA SER D 81 33.92 -0.38 -0.60
C SER D 81 33.02 -1.44 -1.21
N ARG D 82 31.87 -1.70 -0.57
CA ARG D 82 30.86 -2.60 -1.12
C ARG D 82 29.53 -1.85 -1.11
N VAL D 83 29.05 -1.52 -2.31
CA VAL D 83 27.86 -0.69 -2.44
C VAL D 83 26.62 -1.51 -2.09
N GLU D 84 25.73 -0.90 -1.32
CA GLU D 84 24.48 -1.54 -0.91
C GLU D 84 23.29 -0.84 -1.57
N ALA D 85 22.14 -1.51 -1.52
CA ALA D 85 20.95 -1.00 -2.21
C ALA D 85 20.54 0.37 -1.71
N GLU D 86 20.76 0.66 -0.43
CA GLU D 86 20.40 1.94 0.18
C GLU D 86 21.31 3.08 -0.25
N ASP D 87 22.21 2.91 -1.21
CA ASP D 87 23.15 3.95 -1.60
C ASP D 87 22.74 4.68 -2.88
N VAL D 88 21.51 4.45 -3.37
CA VAL D 88 21.01 5.24 -4.49
C VAL D 88 20.99 6.71 -4.12
N GLY D 89 21.35 7.56 -5.08
CA GLY D 89 21.27 8.99 -4.86
C GLY D 89 22.39 9.78 -5.48
N ILE D 90 22.39 11.08 -5.22
CA ILE D 90 23.42 11.96 -5.73
C ILE D 90 24.42 12.25 -4.61
N TYR D 91 25.70 12.30 -4.96
CA TYR D 91 26.75 12.57 -4.00
C TYR D 91 27.45 13.87 -4.37
N TYR D 92 27.57 14.76 -3.38
CA TYR D 92 28.17 16.07 -3.57
C TYR D 92 29.42 16.19 -2.71
N CYS D 93 30.43 16.90 -3.23
CA CYS D 93 31.53 17.38 -2.40
C CYS D 93 31.36 18.88 -2.20
N MET D 94 31.70 19.34 -0.99
CA MET D 94 31.54 20.74 -0.63
C MET D 94 32.75 21.22 0.16
N GLN D 95 33.18 22.45 -0.11
CA GLN D 95 34.23 23.08 0.67
C GLN D 95 33.66 24.30 1.39
N GLY D 96 34.05 24.46 2.65
CA GLY D 96 33.62 25.59 3.44
C GLY D 96 34.80 26.46 3.83
N SER D 97 35.96 26.16 3.23
CA SER D 97 37.20 26.83 3.60
C SER D 97 37.25 28.26 3.05
N HIS D 98 36.75 28.47 1.83
CA HIS D 98 36.85 29.77 1.20
C HIS D 98 35.58 30.58 1.44
N TRP D 99 35.59 31.82 0.93
CA TRP D 99 34.56 32.79 1.30
C TRP D 99 33.18 32.33 0.86
N ALA D 100 33.06 31.84 -0.37
CA ALA D 100 31.79 31.32 -0.86
C ALA D 100 31.83 29.79 -0.82
N PRO D 101 31.14 29.15 0.11
CA PRO D 101 31.05 27.68 0.07
C PRO D 101 30.44 27.23 -1.25
N THR D 102 31.11 26.27 -1.88
CA THR D 102 30.71 25.81 -3.20
C THR D 102 30.61 24.29 -3.21
N PHE D 103 29.75 23.77 -4.08
CA PHE D 103 29.49 22.36 -4.22
C PHE D 103 29.97 21.86 -5.58
N GLY D 104 30.07 20.54 -5.70
CA GLY D 104 30.31 19.93 -6.99
C GLY D 104 29.03 19.75 -7.79
N GLN D 105 29.19 19.34 -9.04
CA GLN D 105 28.02 19.11 -9.89
C GLN D 105 27.12 18.04 -9.30
N GLY D 106 27.71 17.03 -8.69
CA GLY D 106 26.97 15.90 -8.18
C GLY D 106 27.23 14.65 -9.01
N THR D 107 27.26 13.50 -8.34
CA THR D 107 27.45 12.22 -8.99
C THR D 107 26.25 11.34 -8.67
N LYS D 108 25.50 10.97 -9.71
CA LYS D 108 24.37 10.07 -9.53
C LYS D 108 24.88 8.64 -9.49
N VAL D 109 24.60 7.92 -8.42
CA VAL D 109 25.05 6.55 -8.24
C VAL D 109 23.84 5.64 -8.40
N GLU D 110 23.87 4.81 -9.43
CA GLU D 110 22.81 3.87 -9.72
C GLU D 110 23.27 2.46 -9.38
N ILE D 111 22.35 1.64 -8.90
CA ILE D 111 22.65 0.27 -8.52
C ILE D 111 22.32 -0.63 -9.68
N LYS D 112 23.20 -1.57 -9.97
CA LYS D 112 22.93 -2.59 -10.97
C LYS D 112 22.55 -3.90 -10.29
N ARG D 113 21.43 -4.46 -10.71
CA ARG D 113 20.73 -5.52 -9.99
C ARG D 113 20.44 -6.65 -10.97
N THR D 114 20.03 -7.80 -10.43
CA THR D 114 19.61 -8.92 -11.27
C THR D 114 18.36 -8.54 -12.05
N VAL D 115 18.24 -9.10 -13.25
CA VAL D 115 17.05 -8.89 -14.06
C VAL D 115 15.83 -9.39 -13.30
N ALA D 116 14.80 -8.56 -13.22
CA ALA D 116 13.51 -8.92 -12.65
C ALA D 116 12.42 -8.46 -13.59
N ALA D 117 11.50 -9.36 -13.91
CA ALA D 117 10.49 -9.05 -14.90
C ALA D 117 9.37 -8.20 -14.28
N PRO D 118 8.81 -7.28 -15.05
CA PRO D 118 7.75 -6.42 -14.51
C PRO D 118 6.46 -7.20 -14.27
N SER D 119 5.72 -6.78 -13.24
CA SER D 119 4.36 -7.24 -13.04
C SER D 119 3.40 -6.21 -13.66
N VAL D 120 2.56 -6.66 -14.58
CA VAL D 120 1.72 -5.76 -15.38
C VAL D 120 0.30 -5.77 -14.85
N PHE D 121 -0.24 -4.56 -14.61
CA PHE D 121 -1.61 -4.36 -14.20
C PHE D 121 -2.25 -3.32 -15.12
N ILE D 122 -3.56 -3.37 -15.27
CA ILE D 122 -4.27 -2.40 -16.11
C ILE D 122 -5.53 -1.93 -15.38
N PHE D 123 -5.74 -0.61 -15.39
CA PHE D 123 -6.88 0.05 -14.76
C PHE D 123 -7.72 0.74 -15.82
N PRO D 124 -8.99 0.36 -15.96
CA PRO D 124 -9.90 1.03 -16.91
C PRO D 124 -10.28 2.42 -16.41
N PRO D 125 -10.92 3.23 -17.26
CA PRO D 125 -11.33 4.57 -16.84
C PRO D 125 -12.37 4.53 -15.73
N SER D 126 -12.28 5.49 -14.83
CA SER D 126 -13.28 5.64 -13.78
C SER D 126 -14.62 6.08 -14.34
N ASP D 127 -15.68 5.68 -13.64
CA ASP D 127 -17.03 6.15 -13.99
C ASP D 127 -17.12 7.67 -13.88
N GLU D 128 -16.56 8.23 -12.82
CA GLU D 128 -16.55 9.68 -12.63
C GLU D 128 -15.88 10.37 -13.81
N GLN D 129 -14.72 9.87 -14.23
CA GLN D 129 -13.99 10.49 -15.33
C GLN D 129 -14.77 10.38 -16.63
N LEU D 130 -15.38 9.22 -16.89
CA LEU D 130 -16.19 9.07 -18.09
C LEU D 130 -17.34 10.05 -18.12
N LYS D 131 -18.05 10.22 -16.99
CA LYS D 131 -19.09 11.23 -16.95
C LYS D 131 -18.52 12.63 -17.17
N SER D 132 -17.28 12.87 -16.70
CA SER D 132 -16.62 14.16 -16.88
C SER D 132 -16.22 14.43 -18.32
N GLY D 133 -16.27 13.44 -19.20
CA GLY D 133 -15.93 13.63 -20.60
C GLY D 133 -14.54 13.19 -21.02
N THR D 134 -13.81 12.48 -20.16
CA THR D 134 -12.47 12.02 -20.46
C THR D 134 -12.35 10.54 -20.05
N ALA D 135 -11.45 9.82 -20.71
CA ALA D 135 -11.20 8.42 -20.37
C ALA D 135 -9.70 8.19 -20.34
N SER D 136 -9.17 7.87 -19.16
CA SER D 136 -7.75 7.54 -19.00
C SER D 136 -7.60 6.07 -18.60
N VAL D 137 -6.91 5.31 -19.43
CA VAL D 137 -6.56 3.92 -19.13
C VAL D 137 -5.12 3.91 -18.63
N VAL D 138 -4.89 3.24 -17.49
CA VAL D 138 -3.58 3.23 -16.85
C VAL D 138 -2.99 1.83 -16.92
N CYS D 139 -1.75 1.72 -17.38
CA CYS D 139 -1.00 0.48 -17.35
C CYS D 139 0.18 0.63 -16.41
N LEU D 140 0.33 -0.30 -15.48
CA LEU D 140 1.33 -0.23 -14.43
C LEU D 140 2.27 -1.41 -14.55
N LEU D 141 3.53 -1.13 -14.86
CA LEU D 141 4.60 -2.11 -14.82
C LEU D 141 5.35 -1.92 -13.50
N ASN D 142 5.29 -2.92 -12.63
CA ASN D 142 5.73 -2.77 -11.26
C ASN D 142 6.95 -3.64 -10.99
N ASN D 143 7.95 -3.04 -10.32
CA ASN D 143 9.07 -3.76 -9.73
C ASN D 143 9.80 -4.61 -10.78
N PHE D 144 10.51 -3.90 -11.66
CA PHE D 144 11.31 -4.52 -12.69
C PHE D 144 12.69 -3.90 -12.73
N TYR D 145 13.62 -4.61 -13.36
CA TYR D 145 14.96 -4.12 -13.64
C TYR D 145 15.49 -4.92 -14.82
N PRO D 146 16.18 -4.29 -15.78
CA PRO D 146 16.61 -2.88 -15.84
C PRO D 146 15.50 -1.90 -16.21
N ARG D 147 15.81 -0.60 -16.14
CA ARG D 147 14.84 0.44 -16.46
C ARG D 147 14.24 0.27 -17.84
N GLU D 148 14.98 -0.31 -18.78
CA GLU D 148 14.55 -0.34 -20.17
C GLU D 148 13.35 -1.27 -20.32
N ALA D 149 12.20 -0.71 -20.71
CA ALA D 149 10.99 -1.47 -20.95
C ALA D 149 10.13 -0.71 -21.94
N LYS D 150 9.52 -1.43 -22.88
CA LYS D 150 8.68 -0.83 -23.90
C LYS D 150 7.21 -1.13 -23.61
N VAL D 151 6.39 -0.09 -23.62
CA VAL D 151 4.94 -0.23 -23.43
C VAL D 151 4.25 0.30 -24.67
N GLN D 152 3.44 -0.55 -25.31
CA GLN D 152 2.71 -0.18 -26.51
C GLN D 152 1.22 -0.40 -26.27
N TRP D 153 0.42 0.61 -26.59
CA TRP D 153 -1.03 0.52 -26.45
C TRP D 153 -1.65 0.03 -27.74
N LYS D 154 -2.61 -0.89 -27.63
CA LYS D 154 -3.33 -1.39 -28.78
C LYS D 154 -4.82 -1.37 -28.50
N VAL D 155 -5.57 -0.72 -29.38
CA VAL D 155 -7.01 -0.55 -29.25
C VAL D 155 -7.66 -1.22 -30.44
N ASP D 156 -8.41 -2.29 -30.19
CA ASP D 156 -8.96 -3.15 -31.24
C ASP D 156 -7.86 -3.71 -32.13
N ASN D 157 -6.72 -4.02 -31.51
CA ASN D 157 -5.51 -4.59 -32.12
C ASN D 157 -4.80 -3.59 -33.02
N ALA D 158 -5.25 -2.34 -33.10
CA ALA D 158 -4.56 -1.30 -33.85
C ALA D 158 -3.61 -0.56 -32.90
N LEU D 159 -2.32 -0.59 -33.21
CA LEU D 159 -1.33 0.07 -32.37
C LEU D 159 -1.64 1.56 -32.24
N GLN D 160 -1.54 2.07 -31.01
CA GLN D 160 -1.83 3.46 -30.73
C GLN D 160 -0.57 4.30 -30.88
N SER D 161 -0.76 5.59 -31.15
CA SER D 161 0.37 6.48 -31.36
C SER D 161 0.01 7.87 -30.87
N GLY D 162 0.89 8.44 -30.04
CA GLY D 162 0.84 9.86 -29.73
C GLY D 162 -0.15 10.28 -28.67
N ASN D 163 -0.86 9.34 -28.05
CA ASN D 163 -1.90 9.68 -27.08
C ASN D 163 -1.66 9.07 -25.71
N SER D 164 -0.41 8.72 -25.38
CA SER D 164 -0.09 8.11 -24.10
C SER D 164 1.18 8.74 -23.54
N GLN D 165 1.31 8.69 -22.21
CA GLN D 165 2.43 9.30 -21.51
C GLN D 165 3.00 8.32 -20.49
N GLU D 166 4.33 8.27 -20.39
CA GLU D 166 5.00 7.39 -19.45
C GLU D 166 5.66 8.17 -18.32
N SER D 167 5.68 7.55 -17.14
CA SER D 167 6.42 8.07 -16.00
C SER D 167 7.09 6.91 -15.29
N VAL D 168 8.39 7.04 -15.01
CA VAL D 168 9.16 6.00 -14.34
C VAL D 168 9.54 6.50 -12.95
N THR D 169 9.41 5.63 -11.95
CA THR D 169 9.83 5.99 -10.60
C THR D 169 11.34 6.07 -10.52
N GLU D 170 11.83 6.58 -9.39
CA GLU D 170 13.23 6.45 -9.07
C GLU D 170 13.54 5.04 -8.57
N GLN D 171 14.77 4.60 -8.79
CA GLN D 171 15.21 3.29 -8.33
C GLN D 171 14.96 3.11 -6.85
N ASP D 172 14.31 1.99 -6.51
CA ASP D 172 13.91 1.72 -5.13
C ASP D 172 15.14 1.61 -4.22
N SER D 173 15.03 2.19 -3.03
CA SER D 173 16.11 2.17 -2.06
C SER D 173 16.18 0.84 -1.30
N LYS D 174 15.38 -0.15 -1.66
CA LYS D 174 15.37 -1.43 -0.96
C LYS D 174 15.65 -2.60 -1.90
N ASP D 175 14.87 -2.78 -2.96
CA ASP D 175 15.12 -3.86 -3.91
C ASP D 175 15.76 -3.38 -5.21
N SER D 176 16.03 -2.07 -5.34
CA SER D 176 16.74 -1.50 -6.48
C SER D 176 15.99 -1.68 -7.80
N THR D 177 14.65 -1.66 -7.75
CA THR D 177 13.82 -1.85 -8.93
C THR D 177 13.06 -0.57 -9.27
N TYR D 178 12.52 -0.56 -10.49
CA TYR D 178 11.77 0.57 -11.02
C TYR D 178 10.28 0.22 -11.16
N SER D 179 9.49 1.27 -11.34
CA SER D 179 8.10 1.11 -11.73
C SER D 179 7.76 2.17 -12.78
N LEU D 180 6.79 1.83 -13.64
CA LEU D 180 6.46 2.64 -14.80
C LEU D 180 4.94 2.68 -14.94
N SER D 181 4.40 3.88 -15.15
CA SER D 181 2.99 4.08 -15.44
C SER D 181 2.85 4.67 -16.84
N SER D 182 2.16 3.95 -17.71
CA SER D 182 1.75 4.46 -19.02
C SER D 182 0.27 4.81 -18.99
N THR D 183 -0.07 6.05 -19.31
CA THR D 183 -1.44 6.52 -19.28
C THR D 183 -1.88 6.88 -20.69
N LEU D 184 -2.87 6.16 -21.21
CA LEU D 184 -3.52 6.48 -22.46
C LEU D 184 -4.74 7.36 -22.17
N THR D 185 -4.79 8.53 -22.78
CA THR D 185 -5.86 9.49 -22.52
C THR D 185 -6.66 9.75 -23.80
N LEU D 186 -7.98 9.64 -23.70
CA LEU D 186 -8.88 9.83 -24.82
C LEU D 186 -10.10 10.64 -24.36
N SER D 187 -10.90 11.06 -25.33
CA SER D 187 -12.22 11.59 -25.05
C SER D 187 -13.20 10.43 -24.89
N LYS D 188 -14.37 10.74 -24.30
CA LYS D 188 -15.38 9.71 -24.10
C LYS D 188 -15.87 9.14 -25.42
N ALA D 189 -15.90 9.96 -26.46
CA ALA D 189 -16.32 9.49 -27.79
C ALA D 189 -15.29 8.53 -28.37
N ASP D 190 -14.02 8.94 -28.40
CA ASP D 190 -12.97 8.05 -28.87
C ASP D 190 -12.93 6.77 -28.05
N TYR D 191 -13.15 6.87 -26.74
CA TYR D 191 -13.12 5.68 -25.90
C TYR D 191 -14.26 4.73 -26.22
N GLU D 192 -15.46 5.26 -26.46
CA GLU D 192 -16.60 4.40 -26.73
C GLU D 192 -16.68 3.94 -28.19
N LYS D 193 -15.93 4.56 -29.10
CA LYS D 193 -15.90 4.08 -30.48
C LYS D 193 -15.36 2.65 -30.59
N HIS D 194 -14.49 2.26 -29.66
CA HIS D 194 -13.79 0.98 -29.74
C HIS D 194 -14.08 0.15 -28.49
N LYS D 195 -13.72 -1.13 -28.56
CA LYS D 195 -14.08 -2.11 -27.54
C LYS D 195 -12.88 -2.58 -26.72
N VAL D 196 -11.93 -3.26 -27.34
CA VAL D 196 -10.81 -3.88 -26.64
C VAL D 196 -9.70 -2.86 -26.44
N TYR D 197 -9.26 -2.70 -25.19
CA TYR D 197 -8.14 -1.82 -24.86
C TYR D 197 -7.07 -2.66 -24.18
N ALA D 198 -5.84 -2.60 -24.70
CA ALA D 198 -4.78 -3.50 -24.26
C ALA D 198 -3.46 -2.76 -24.14
N CYS D 199 -2.67 -3.22 -23.17
CA CYS D 199 -1.32 -2.75 -22.92
C CYS D 199 -0.36 -3.92 -23.14
N GLU D 200 0.66 -3.70 -23.96
CA GLU D 200 1.64 -4.73 -24.32
C GLU D 200 3.00 -4.30 -23.79
N VAL D 201 3.60 -5.17 -22.98
CA VAL D 201 4.85 -4.90 -22.27
C VAL D 201 5.96 -5.76 -22.85
N THR D 202 7.09 -5.13 -23.18
CA THR D 202 8.31 -5.81 -23.60
C THR D 202 9.42 -5.48 -22.61
N HIS D 203 10.12 -6.51 -22.15
CA HIS D 203 11.19 -6.33 -21.18
C HIS D 203 12.18 -7.49 -21.30
N GLN D 204 13.40 -7.24 -20.84
CA GLN D 204 14.43 -8.29 -20.84
C GLN D 204 14.02 -9.48 -19.98
N GLY D 205 13.24 -9.23 -18.93
CA GLY D 205 12.80 -10.30 -18.06
C GLY D 205 11.66 -11.13 -18.59
N LEU D 206 10.96 -10.63 -19.60
CA LEU D 206 9.87 -11.37 -20.23
C LEU D 206 10.39 -12.12 -21.45
N SER D 207 10.10 -13.42 -21.50
CA SER D 207 10.51 -14.22 -22.64
C SER D 207 9.76 -13.81 -23.90
N SER D 208 8.48 -13.52 -23.76
CA SER D 208 7.61 -12.99 -24.80
C SER D 208 6.85 -11.80 -24.24
N PRO D 209 6.45 -10.85 -25.08
CA PRO D 209 5.69 -9.70 -24.60
C PRO D 209 4.43 -10.13 -23.86
N VAL D 210 4.11 -9.39 -22.79
CA VAL D 210 2.95 -9.68 -21.95
C VAL D 210 1.86 -8.67 -22.26
N THR D 211 0.66 -9.17 -22.54
CA THR D 211 -0.48 -8.31 -22.86
C THR D 211 -1.52 -8.41 -21.75
N LYS D 212 -1.99 -7.24 -21.28
CA LYS D 212 -3.14 -7.16 -20.40
C LYS D 212 -4.21 -6.32 -21.10
N SER D 213 -5.44 -6.82 -21.14
CA SER D 213 -6.48 -6.18 -21.92
C SER D 213 -7.81 -6.25 -21.19
N PHE D 214 -8.72 -5.36 -21.57
CA PHE D 214 -10.08 -5.43 -21.08
C PHE D 214 -11.05 -4.96 -22.16
N ASN D 215 -12.30 -5.42 -22.03
CA ASN D 215 -13.39 -5.02 -22.90
C ASN D 215 -14.26 -3.98 -22.20
N ARG D 216 -14.65 -2.95 -22.93
CA ARG D 216 -15.43 -1.85 -22.38
C ARG D 216 -16.82 -2.32 -21.96
S SO4 E . -27.11 6.47 9.28
O1 SO4 E . -27.56 5.08 9.22
O2 SO4 E . -25.76 6.54 9.83
O3 SO4 E . -28.02 7.23 10.12
O4 SO4 E . -27.09 7.04 7.93
S SO4 F . -31.07 -16.01 -21.84
O1 SO4 F . -29.83 -15.93 -21.07
O2 SO4 F . -32.02 -16.86 -21.14
O3 SO4 F . -30.79 -16.56 -23.16
O4 SO4 F . -31.63 -14.67 -21.99
S SO4 G . -19.41 -2.05 24.48
O1 SO4 G . -19.23 -2.62 25.81
O2 SO4 G . -20.15 -3.01 23.63
O3 SO4 G . -20.16 -0.81 24.58
O4 SO4 G . -18.10 -1.79 23.88
S SO4 H . -9.97 25.12 -10.77
O1 SO4 H . -9.43 25.02 -9.42
O2 SO4 H . -10.24 23.78 -11.29
O3 SO4 H . -9.00 25.79 -11.64
O4 SO4 H . -11.21 25.90 -10.74
#